data_8HKH
#
_entry.id   8HKH
#
_cell.length_a   59.560
_cell.length_b   59.630
_cell.length_c   102.180
_cell.angle_alpha   74.980
_cell.angle_beta   89.900
_cell.angle_gamma   73.150
#
_symmetry.space_group_name_H-M   'P 1'
#
loop_
_entity.id
_entity.type
_entity.pdbx_description
1 polymer BoNT/A
2 polymer 'Designed ankyrin repeat protein 18'
3 non-polymer 'ZINC ION'
4 water water
#
loop_
_entity_poly.entity_id
_entity_poly.type
_entity_poly.pdbx_seq_one_letter_code
_entity_poly.pdbx_strand_id
1 'polypeptide(L)'
;MKKHHHHHHGLVPRGSPFVNKQFNYKDPVNGVDIAYIKIPNAGQMQPVKAFKIHNKIWVIPERDTFTNPEEGDLNPPPEA
KQVPVSYYDSTYLSTDNEKDNYLKGVTKLFERIYSTDLGRMLLTSIVRGIPFWGGSTIDTELKVIDTNCINVIQPDGSYR
SEELNLVIIGPSADIIQFECKSFGHEVLNLTRNGYGSTQYIRFSPDFTFGFEESLEVDTNPLLGAGKFATDPAVTLAHEL
IHAGHRLYGIAINPNRVFKVNTNAYYEMSGLEVSFEELRTFGGHDAKFIDSLQENEFRLYYYNKFKDIASTLNKAKSIVG
TTASLQYMKNVFKEKYLLSEDTSGKFSVDKLKFDKLYKMLTEIYTEDNFVKFFKVLNRKTYLNFDKAVFKINIVPKVNYT
IYDGFNLRNTNLAANFNGQNTEINNMNFTKLKNFTG
;
A,B
2 'polypeptide(L)'
;MRGSHHHHHHHHGSDLGKKLLEAARAGQDDEVRILMANGADVNAVDMHGYTPLHLAAAVGHLEIVEVLLKAGADVNAWDQ
VGKTPLHLAAKWGHLEIVEVLLKHGADVNAQDWMGRTPFDLAIDNGNEDIAEVLQKAAKLNDYKDDDDK
;
C,D
#
# COMPACT_ATOMS: atom_id res chain seq x y z
N SER A 16 -48.43 -1.22 21.80
CA SER A 16 -47.21 -0.52 22.34
C SER A 16 -46.04 -0.60 21.36
N PRO A 17 -46.06 0.22 20.31
CA PRO A 17 -44.98 0.20 19.32
C PRO A 17 -43.74 0.94 19.79
N PHE A 18 -42.59 0.53 19.23
CA PHE A 18 -41.33 1.20 19.49
C PHE A 18 -41.28 2.58 18.84
N VAL A 19 -41.81 2.70 17.63
CA VAL A 19 -41.87 3.97 16.91
C VAL A 19 -43.31 4.44 16.97
N ASN A 20 -43.57 5.50 17.74
CA ASN A 20 -44.95 5.93 17.98
C ASN A 20 -45.61 6.50 16.73
N LYS A 21 -44.87 7.29 15.95
CA LYS A 21 -45.48 7.98 14.82
C LYS A 21 -45.38 7.19 13.53
N GLN A 22 -46.36 7.43 12.66
CA GLN A 22 -46.33 6.96 11.28
C GLN A 22 -45.80 8.12 10.45
N PHE A 23 -44.48 8.23 10.39
CA PHE A 23 -43.88 9.38 9.72
C PHE A 23 -44.05 9.29 8.21
N ASN A 24 -44.26 10.45 7.59
CA ASN A 24 -44.25 10.59 6.13
C ASN A 24 -43.24 11.67 5.78
N TYR A 25 -42.34 11.36 4.83
CA TYR A 25 -41.34 12.37 4.47
C TYR A 25 -42.01 13.70 4.17
N LYS A 26 -43.20 13.65 3.57
CA LYS A 26 -43.98 14.85 3.25
C LYS A 26 -44.43 15.59 4.49
N ASP A 27 -44.37 14.98 5.67
CA ASP A 27 -44.85 15.62 6.88
C ASP A 27 -44.10 16.93 7.11
N PRO A 28 -44.78 17.95 7.65
CA PRO A 28 -44.09 19.21 7.95
C PRO A 28 -43.12 19.07 9.11
N VAL A 29 -42.10 19.91 9.11
CA VAL A 29 -41.12 19.91 10.19
C VAL A 29 -41.71 20.69 11.37
N ASN A 30 -41.85 20.02 12.50
CA ASN A 30 -42.34 20.65 13.71
C ASN A 30 -41.21 21.09 14.64
N GLY A 31 -39.96 20.79 14.31
CA GLY A 31 -38.81 21.16 15.11
C GLY A 31 -38.54 20.29 16.32
N VAL A 32 -39.33 19.23 16.52
CA VAL A 32 -39.15 18.33 17.66
C VAL A 32 -38.70 16.97 17.19
N ASP A 33 -39.62 16.20 16.59
CA ASP A 33 -39.30 14.90 16.03
C ASP A 33 -39.27 14.91 14.51
N ILE A 34 -39.46 16.07 13.88
CA ILE A 34 -39.31 16.26 12.44
C ILE A 34 -38.67 17.63 12.27
N ALA A 35 -37.40 17.65 11.86
CA ALA A 35 -36.68 18.92 11.82
C ALA A 35 -35.55 18.85 10.81
N TYR A 36 -35.07 20.03 10.44
CA TYR A 36 -33.86 20.17 9.63
C TYR A 36 -32.66 20.20 10.55
N ILE A 37 -31.65 19.37 10.25
CA ILE A 37 -30.51 19.21 11.15
C ILE A 37 -29.21 19.29 10.36
N LYS A 38 -28.12 19.50 11.10
CA LYS A 38 -26.76 19.43 10.56
C LYS A 38 -25.97 18.39 11.35
N ILE A 39 -25.33 17.48 10.62
CA ILE A 39 -24.53 16.40 11.19
C ILE A 39 -23.07 16.87 11.20
N PRO A 40 -22.23 16.42 12.12
CA PRO A 40 -20.81 16.77 12.02
C PRO A 40 -20.24 16.33 10.68
N ASN A 41 -19.63 17.27 9.97
CA ASN A 41 -19.18 17.04 8.61
C ASN A 41 -17.97 17.91 8.33
N ALA A 42 -17.15 17.47 7.36
CA ALA A 42 -15.94 18.20 7.01
C ALA A 42 -16.26 19.47 6.24
N GLY A 43 -17.36 19.49 5.50
CA GLY A 43 -17.76 20.65 4.74
C GLY A 43 -18.64 21.59 5.53
N GLN A 44 -19.43 22.37 4.81
CA GLN A 44 -20.42 23.26 5.40
C GLN A 44 -21.78 22.84 4.85
N MET A 45 -22.19 21.63 5.22
CA MET A 45 -23.32 20.98 4.56
C MET A 45 -24.61 21.79 4.74
N GLN A 46 -25.48 21.68 3.75
CA GLN A 46 -26.81 22.24 3.88
C GLN A 46 -27.66 21.34 4.77
N PRO A 47 -28.48 21.91 5.66
CA PRO A 47 -29.30 21.08 6.55
C PRO A 47 -30.15 20.09 5.78
N VAL A 48 -30.35 18.91 6.38
CA VAL A 48 -31.19 17.87 5.81
C VAL A 48 -32.29 17.51 6.80
N LYS A 49 -33.37 16.95 6.28
CA LYS A 49 -34.53 16.57 7.08
C LYS A 49 -34.28 15.25 7.79
N ALA A 50 -34.53 15.21 9.10
CA ALA A 50 -34.33 14.01 9.89
C ALA A 50 -35.53 13.80 10.81
N PHE A 51 -35.81 12.54 11.13
CA PHE A 51 -36.96 12.17 11.93
C PHE A 51 -36.52 11.41 13.17
N LYS A 52 -36.98 11.86 14.34
CA LYS A 52 -36.69 11.15 15.59
C LYS A 52 -37.72 10.05 15.74
N ILE A 53 -37.35 8.83 15.35
CA ILE A 53 -38.29 7.72 15.47
C ILE A 53 -38.41 7.22 16.91
N HIS A 54 -37.45 7.56 17.76
CA HIS A 54 -37.45 7.09 19.15
C HIS A 54 -36.46 7.95 19.92
N ASN A 55 -36.54 7.87 21.24
CA ASN A 55 -35.64 8.62 22.11
C ASN A 55 -34.19 8.36 21.72
N LYS A 56 -33.47 9.42 21.34
CA LYS A 56 -32.05 9.37 20.99
C LYS A 56 -31.77 8.58 19.71
N ILE A 57 -32.78 8.34 18.88
CA ILE A 57 -32.60 7.65 17.60
C ILE A 57 -33.20 8.52 16.51
N TRP A 58 -32.43 8.77 15.45
CA TRP A 58 -32.85 9.59 14.33
C TRP A 58 -32.67 8.82 13.03
N VAL A 59 -33.38 9.28 12.00
CA VAL A 59 -33.35 8.66 10.68
C VAL A 59 -33.18 9.76 9.65
N ILE A 60 -32.01 9.83 9.03
CA ILE A 60 -31.78 10.73 7.91
C ILE A 60 -31.98 9.92 6.63
N PRO A 61 -33.11 10.05 5.93
CA PRO A 61 -33.34 9.21 4.75
C PRO A 61 -32.62 9.72 3.51
N GLU A 62 -31.37 10.14 3.67
CA GLU A 62 -30.56 10.67 2.59
C GLU A 62 -29.38 9.76 2.31
N ARG A 63 -28.84 9.88 1.10
CA ARG A 63 -27.56 9.26 0.78
C ARG A 63 -26.45 9.97 1.55
N ASP A 64 -25.51 9.18 2.08
CA ASP A 64 -24.52 9.70 3.02
C ASP A 64 -23.35 10.29 2.23
N THR A 65 -23.43 11.60 1.96
CA THR A 65 -22.34 12.34 1.35
C THR A 65 -21.63 13.22 2.36
N PHE A 66 -21.98 13.11 3.64
CA PHE A 66 -21.52 14.03 4.68
C PHE A 66 -20.50 13.43 5.64
N THR A 67 -20.62 12.14 5.98
CA THR A 67 -19.76 11.58 7.02
C THR A 67 -18.29 11.51 6.59
N ASN A 68 -18.02 11.29 5.30
CA ASN A 68 -16.66 11.09 4.84
C ASN A 68 -16.24 12.24 3.94
N PRO A 69 -15.11 12.90 4.21
CA PRO A 69 -14.71 14.05 3.37
C PRO A 69 -14.30 13.68 1.96
N GLU A 70 -13.95 12.43 1.68
CA GLU A 70 -13.58 12.02 0.33
C GLU A 70 -14.71 11.35 -0.43
N GLU A 71 -15.86 11.13 0.21
CA GLU A 71 -17.02 10.53 -0.44
C GLU A 71 -18.17 11.53 -0.56
N GLY A 72 -17.83 12.78 -0.84
CA GLY A 72 -18.83 13.83 -0.97
C GLY A 72 -19.79 13.64 -2.11
N ASP A 73 -19.40 12.86 -3.12
CA ASP A 73 -20.25 12.61 -4.28
C ASP A 73 -20.52 11.11 -4.37
N LEU A 74 -21.57 10.78 -5.13
CA LEU A 74 -21.99 9.41 -5.33
C LEU A 74 -21.45 8.81 -6.63
N ASN A 75 -20.42 9.41 -7.20
CA ASN A 75 -19.86 8.87 -8.43
C ASN A 75 -19.12 7.57 -8.13
N PRO A 76 -19.29 6.54 -8.96
CA PRO A 76 -18.56 5.29 -8.76
C PRO A 76 -17.12 5.42 -9.18
N PRO A 77 -16.26 4.45 -8.84
CA PRO A 77 -14.90 4.43 -9.37
C PRO A 77 -14.89 3.94 -10.80
N PRO A 78 -13.79 4.15 -11.53
CA PRO A 78 -13.72 3.67 -12.91
C PRO A 78 -14.30 2.27 -13.07
N GLU A 79 -14.99 2.01 -14.18
CA GLU A 79 -15.59 0.70 -14.39
C GLU A 79 -14.59 -0.43 -14.20
N ALA A 80 -13.29 -0.14 -14.33
CA ALA A 80 -12.26 -1.16 -14.20
C ALA A 80 -11.79 -1.35 -12.76
N LYS A 81 -11.89 -0.32 -11.91
CA LYS A 81 -11.50 -0.44 -10.52
C LYS A 81 -12.64 -0.93 -9.63
N GLN A 82 -13.80 -1.23 -10.20
CA GLN A 82 -14.92 -1.71 -9.40
C GLN A 82 -14.67 -3.15 -8.99
N VAL A 83 -14.96 -3.45 -7.72
CA VAL A 83 -14.86 -4.81 -7.21
C VAL A 83 -16.16 -5.55 -7.53
N PRO A 84 -16.10 -6.84 -7.85
CA PRO A 84 -17.35 -7.56 -8.18
C PRO A 84 -18.45 -7.41 -7.16
N VAL A 85 -18.13 -7.43 -5.86
CA VAL A 85 -19.15 -7.38 -4.81
C VAL A 85 -19.35 -5.91 -4.47
N SER A 86 -20.16 -5.23 -5.29
CA SER A 86 -20.55 -3.85 -5.05
C SER A 86 -21.69 -3.54 -6.00
N TYR A 87 -22.45 -2.51 -5.66
CA TYR A 87 -23.51 -2.02 -6.54
C TYR A 87 -23.56 -0.50 -6.47
N TYR A 88 -23.58 0.15 -7.62
CA TYR A 88 -23.55 1.60 -7.71
C TYR A 88 -24.78 2.09 -8.44
N ASP A 89 -25.39 3.14 -7.91
CA ASP A 89 -26.60 3.71 -8.49
C ASP A 89 -26.77 5.11 -7.88
N SER A 90 -26.31 6.12 -8.61
CA SER A 90 -26.32 7.48 -8.08
C SER A 90 -27.74 8.02 -7.90
N THR A 91 -28.75 7.42 -8.54
CA THR A 91 -30.10 7.95 -8.50
C THR A 91 -30.94 7.38 -7.36
N TYR A 92 -30.47 6.34 -6.68
CA TYR A 92 -31.24 5.75 -5.59
C TYR A 92 -31.42 6.77 -4.46
N LEU A 93 -32.59 6.71 -3.82
CA LEU A 93 -32.90 7.54 -2.65
C LEU A 93 -32.73 9.04 -2.94
N SER A 94 -32.95 9.44 -4.19
CA SER A 94 -32.83 10.85 -4.55
C SER A 94 -34.18 11.55 -4.66
N THR A 95 -35.27 10.82 -4.90
CA THR A 95 -36.59 11.40 -5.06
C THR A 95 -37.41 11.22 -3.80
N ASP A 96 -38.38 12.11 -3.61
CA ASP A 96 -39.16 12.13 -2.37
C ASP A 96 -39.80 10.77 -2.10
N ASN A 97 -40.37 10.14 -3.13
CA ASN A 97 -41.13 8.92 -2.90
C ASN A 97 -40.25 7.82 -2.29
N GLU A 98 -39.00 7.73 -2.73
CA GLU A 98 -38.09 6.75 -2.13
C GLU A 98 -37.68 7.17 -0.74
N LYS A 99 -37.67 8.47 -0.45
CA LYS A 99 -37.35 8.93 0.89
C LYS A 99 -38.47 8.57 1.87
N ASP A 100 -39.73 8.70 1.43
CA ASP A 100 -40.84 8.23 2.23
C ASP A 100 -40.76 6.72 2.43
N ASN A 101 -40.62 5.97 1.34
CA ASN A 101 -40.56 4.51 1.43
C ASN A 101 -39.36 4.06 2.24
N TYR A 102 -38.21 4.72 2.07
CA TYR A 102 -37.03 4.38 2.87
C TYR A 102 -37.33 4.58 4.35
N LEU A 103 -37.99 5.67 4.70
CA LEU A 103 -38.24 5.97 6.11
C LEU A 103 -39.19 4.95 6.74
N LYS A 104 -40.26 4.60 6.03
CA LYS A 104 -41.19 3.62 6.57
C LYS A 104 -40.58 2.22 6.60
N GLY A 105 -39.69 1.91 5.66
CA GLY A 105 -39.02 0.63 5.70
C GLY A 105 -38.09 0.49 6.89
N VAL A 106 -37.30 1.53 7.15
CA VAL A 106 -36.43 1.52 8.33
C VAL A 106 -37.27 1.45 9.60
N THR A 107 -38.42 2.14 9.61
CA THR A 107 -39.28 2.10 10.80
C THR A 107 -39.85 0.70 11.00
N LYS A 108 -40.33 0.07 9.94
CA LYS A 108 -40.85 -1.28 10.06
C LYS A 108 -39.77 -2.26 10.49
N LEU A 109 -38.52 -2.01 10.10
CA LEU A 109 -37.44 -2.91 10.48
C LEU A 109 -37.14 -2.80 11.97
N PHE A 110 -37.29 -1.60 12.53
CA PHE A 110 -37.12 -1.46 13.98
C PHE A 110 -38.25 -2.16 14.72
N GLU A 111 -39.47 -2.10 14.18
CA GLU A 111 -40.60 -2.77 14.83
C GLU A 111 -40.39 -4.28 14.89
N ARG A 112 -39.86 -4.87 13.81
CA ARG A 112 -39.62 -6.30 13.79
C ARG A 112 -38.55 -6.70 14.78
N ILE A 113 -37.44 -5.95 14.83
CA ILE A 113 -36.41 -6.21 15.82
C ILE A 113 -37.00 -6.11 17.22
N TYR A 114 -37.72 -5.03 17.48
CA TYR A 114 -38.26 -4.77 18.82
C TYR A 114 -39.30 -5.77 19.25
N SER A 115 -39.91 -6.51 18.31
CA SER A 115 -40.94 -7.48 18.66
C SER A 115 -40.38 -8.79 19.15
N THR A 116 -39.09 -8.84 19.48
CA THR A 116 -38.49 -10.00 20.10
C THR A 116 -37.80 -9.56 21.39
N ASP A 117 -37.90 -10.39 22.43
CA ASP A 117 -37.26 -10.05 23.69
C ASP A 117 -35.78 -9.76 23.49
N LEU A 118 -35.13 -10.47 22.57
CA LEU A 118 -33.71 -10.23 22.32
C LEU A 118 -33.49 -8.85 21.71
N GLY A 119 -34.24 -8.52 20.66
CA GLY A 119 -34.13 -7.20 20.08
C GLY A 119 -34.67 -6.12 21.00
N ARG A 120 -35.69 -6.45 21.79
CA ARG A 120 -36.23 -5.50 22.75
C ARG A 120 -35.17 -5.11 23.78
N MET A 121 -34.33 -6.07 24.17
CA MET A 121 -33.24 -5.76 25.09
C MET A 121 -32.15 -4.97 24.40
N LEU A 122 -31.80 -5.34 23.16
CA LEU A 122 -30.79 -4.62 22.41
C LEU A 122 -31.15 -3.15 22.27
N LEU A 123 -32.39 -2.88 21.84
CA LEU A 123 -32.81 -1.50 21.66
C LEU A 123 -32.85 -0.74 22.98
N THR A 124 -33.15 -1.42 24.09
CA THR A 124 -33.12 -0.74 25.38
C THR A 124 -31.70 -0.47 25.84
N SER A 125 -30.74 -1.33 25.48
CA SER A 125 -29.35 -1.09 25.84
C SER A 125 -28.74 0.04 25.02
N ILE A 126 -29.24 0.24 23.80
CA ILE A 126 -28.71 1.31 22.96
C ILE A 126 -29.23 2.66 23.43
N VAL A 127 -30.53 2.75 23.72
CA VAL A 127 -31.07 4.02 24.18
C VAL A 127 -30.49 4.41 25.53
N ARG A 128 -30.15 3.41 26.36
CA ARG A 128 -29.53 3.69 27.65
C ARG A 128 -28.03 3.96 27.55
N GLY A 129 -27.40 3.54 26.47
CA GLY A 129 -25.95 3.68 26.34
C GLY A 129 -25.55 5.06 25.88
N ILE A 130 -25.67 6.03 26.77
CA ILE A 130 -25.33 7.42 26.44
C ILE A 130 -23.82 7.54 26.24
N PRO A 131 -23.35 8.13 25.14
CA PRO A 131 -21.91 8.41 25.03
C PRO A 131 -21.43 9.19 26.25
N PHE A 132 -20.31 8.73 26.82
CA PHE A 132 -19.85 9.29 28.08
C PHE A 132 -19.45 10.76 27.91
N TRP A 133 -19.58 11.52 29.01
CA TRP A 133 -19.30 12.95 29.00
C TRP A 133 -17.84 13.20 29.43
N GLY A 134 -16.93 12.82 28.52
CA GLY A 134 -15.51 12.99 28.78
C GLY A 134 -14.91 14.13 27.97
N GLY A 135 -15.74 15.12 27.63
CA GLY A 135 -15.29 16.15 26.72
C GLY A 135 -14.49 17.27 27.36
N SER A 136 -14.70 17.51 28.64
CA SER A 136 -14.11 18.68 29.28
C SER A 136 -12.59 18.65 29.22
N THR A 137 -12.00 19.85 29.30
CA THR A 137 -10.56 20.01 29.44
C THR A 137 -10.13 20.15 30.90
N ILE A 138 -11.07 20.30 31.83
CA ILE A 138 -10.77 20.37 33.25
C ILE A 138 -10.99 18.97 33.85
N ASP A 139 -10.10 18.58 34.75
CA ASP A 139 -10.09 17.20 35.24
C ASP A 139 -11.39 16.81 35.91
N THR A 140 -12.04 17.76 36.60
CA THR A 140 -13.10 17.42 37.55
C THR A 140 -14.50 17.76 37.06
N GLU A 141 -14.66 18.31 35.85
CA GLU A 141 -15.98 18.67 35.36
C GLU A 141 -16.40 17.75 34.22
N LEU A 142 -17.70 17.50 34.13
CA LEU A 142 -18.29 16.64 33.12
C LEU A 142 -18.86 17.49 31.99
N LYS A 143 -18.58 17.08 30.76
CA LYS A 143 -18.99 17.84 29.59
C LYS A 143 -19.25 16.90 28.42
N VAL A 144 -20.20 17.30 27.57
CA VAL A 144 -20.58 16.49 26.42
C VAL A 144 -19.60 16.74 25.27
N ILE A 145 -19.18 15.66 24.62
CA ILE A 145 -18.35 15.76 23.44
C ILE A 145 -19.21 16.27 22.29
N ASP A 146 -18.72 17.32 21.62
CA ASP A 146 -19.55 18.01 20.63
C ASP A 146 -20.00 17.07 19.51
N THR A 147 -19.12 16.19 19.04
CA THR A 147 -19.45 15.33 17.91
C THR A 147 -20.45 14.24 18.27
N ASN A 148 -20.80 14.11 19.55
CA ASN A 148 -21.84 13.18 19.97
C ASN A 148 -23.22 13.82 19.97
N CYS A 149 -23.36 14.98 19.31
CA CYS A 149 -24.63 15.70 19.25
C CYS A 149 -24.93 16.05 17.80
N ILE A 150 -26.11 16.64 17.59
CA ILE A 150 -26.50 17.14 16.28
C ILE A 150 -27.10 18.53 16.46
N ASN A 151 -27.14 19.25 15.35
CA ASN A 151 -27.62 20.64 15.32
C ASN A 151 -29.03 20.65 14.75
N VAL A 152 -30.01 20.90 15.61
CA VAL A 152 -31.42 20.87 15.23
C VAL A 152 -31.89 22.29 15.00
N ILE A 153 -32.56 22.52 13.88
CA ILE A 153 -32.97 23.86 13.49
C ILE A 153 -34.21 24.26 14.26
N GLN A 154 -34.23 25.51 14.72
CA GLN A 154 -35.34 26.09 15.46
C GLN A 154 -36.22 26.88 14.50
N PRO A 155 -37.36 27.42 14.95
CA PRO A 155 -38.14 28.28 14.05
C PRO A 155 -37.41 29.57 13.65
N ASP A 156 -36.71 30.21 14.59
CA ASP A 156 -36.01 31.44 14.28
C ASP A 156 -34.97 31.27 13.18
N GLY A 157 -34.55 30.03 12.91
CA GLY A 157 -33.34 29.77 12.17
C GLY A 157 -32.12 29.55 13.03
N SER A 158 -32.22 29.81 14.33
CA SER A 158 -31.16 29.48 15.25
C SER A 158 -30.98 27.96 15.32
N TYR A 159 -29.88 27.53 15.95
CA TYR A 159 -29.54 26.12 16.01
C TYR A 159 -29.47 25.66 17.46
N ARG A 160 -30.30 24.68 17.80
CA ARG A 160 -30.28 24.04 19.11
C ARG A 160 -29.51 22.74 19.02
N SER A 161 -28.52 22.59 19.88
CA SER A 161 -27.74 21.36 19.95
C SER A 161 -28.51 20.30 20.74
N GLU A 162 -28.49 19.08 20.23
CA GLU A 162 -29.27 17.99 20.81
C GLU A 162 -28.47 16.69 20.78
N GLU A 163 -28.59 15.92 21.85
CA GLU A 163 -27.86 14.68 22.01
C GLU A 163 -28.61 13.52 21.39
N LEU A 164 -27.86 12.53 20.91
CA LEU A 164 -28.45 11.34 20.32
C LEU A 164 -27.42 10.22 20.35
N ASN A 165 -27.92 8.99 20.27
CA ASN A 165 -27.07 7.80 20.34
C ASN A 165 -26.94 7.05 19.02
N LEU A 166 -27.96 7.09 18.17
CA LEU A 166 -27.94 6.34 16.91
C LEU A 166 -28.46 7.23 15.80
N VAL A 167 -27.95 7.01 14.59
CA VAL A 167 -28.41 7.70 13.40
C VAL A 167 -28.42 6.71 12.24
N ILE A 168 -29.59 6.49 11.64
CA ILE A 168 -29.73 5.65 10.46
C ILE A 168 -29.71 6.55 9.24
N ILE A 169 -28.72 6.36 8.38
CA ILE A 169 -28.53 7.18 7.19
C ILE A 169 -28.45 6.26 5.99
N GLY A 170 -28.66 6.85 4.82
CA GLY A 170 -28.62 6.09 3.59
C GLY A 170 -27.20 5.69 3.22
N PRO A 171 -27.07 4.82 2.22
CA PRO A 171 -25.73 4.38 1.78
C PRO A 171 -24.98 5.50 1.08
N SER A 172 -23.67 5.28 0.92
CA SER A 172 -22.82 6.19 0.17
C SER A 172 -22.70 5.74 -1.28
N ALA A 173 -21.55 6.00 -1.91
CA ALA A 173 -21.37 5.60 -3.30
C ALA A 173 -21.64 4.11 -3.49
N ASP A 174 -21.02 3.26 -2.67
CA ASP A 174 -21.24 1.82 -2.71
C ASP A 174 -22.51 1.53 -1.93
N ILE A 175 -23.60 1.23 -2.65
CA ILE A 175 -24.91 1.19 -2.02
C ILE A 175 -25.00 0.11 -0.96
N ILE A 176 -24.28 -1.00 -1.15
CA ILE A 176 -24.39 -2.13 -0.25
C ILE A 176 -23.21 -2.18 0.73
N GLN A 177 -22.49 -1.07 0.89
CA GLN A 177 -21.43 -0.97 1.89
C GLN A 177 -22.08 -0.54 3.20
N PHE A 178 -22.76 -1.49 3.85
CA PHE A 178 -23.39 -1.23 5.12
C PHE A 178 -22.35 -1.27 6.23
N GLU A 179 -22.42 -0.32 7.16
CA GLU A 179 -21.43 -0.25 8.22
C GLU A 179 -21.96 0.62 9.36
N CYS A 180 -21.17 0.70 10.42
CA CYS A 180 -21.48 1.53 11.58
C CYS A 180 -20.25 2.36 11.91
N LYS A 181 -20.38 3.68 11.82
CA LYS A 181 -19.25 4.60 11.97
C LYS A 181 -19.59 5.73 12.92
N SER A 182 -18.56 6.26 13.58
CA SER A 182 -18.69 7.37 14.50
C SER A 182 -17.54 8.32 14.26
N PHE A 183 -17.63 9.50 14.86
CA PHE A 183 -16.59 10.52 14.73
C PHE A 183 -15.64 10.40 15.92
N GLY A 184 -14.35 10.61 15.64
CA GLY A 184 -13.32 10.37 16.62
C GLY A 184 -13.02 11.58 17.47
N HIS A 185 -12.10 11.39 18.41
CA HIS A 185 -11.62 12.45 19.29
C HIS A 185 -10.12 12.58 19.14
N GLU A 186 -9.63 13.81 19.26
CA GLU A 186 -8.21 14.08 19.06
C GLU A 186 -7.34 13.34 20.08
N VAL A 187 -7.84 13.16 21.29
CA VAL A 187 -7.04 12.57 22.37
C VAL A 187 -7.69 11.34 22.99
N LEU A 188 -8.91 10.99 22.61
CA LEU A 188 -9.64 9.88 23.20
C LEU A 188 -9.98 8.84 22.15
N ASN A 189 -10.05 7.58 22.58
CA ASN A 189 -10.44 6.45 21.73
C ASN A 189 -11.83 5.99 22.17
N LEU A 190 -12.85 6.73 21.73
CA LEU A 190 -14.19 6.60 22.29
C LEU A 190 -14.74 5.19 22.12
N THR A 191 -14.45 4.54 21.00
CA THR A 191 -15.01 3.22 20.73
C THR A 191 -14.30 2.11 21.51
N ARG A 192 -13.11 2.38 22.05
CA ARG A 192 -12.32 1.35 22.72
C ARG A 192 -11.80 1.82 24.08
N ASN A 193 -12.43 2.83 24.67
CA ASN A 193 -12.07 3.29 26.00
C ASN A 193 -13.27 3.30 26.96
N GLY A 194 -14.43 2.80 26.53
CA GLY A 194 -15.63 2.75 27.33
C GLY A 194 -16.58 3.92 27.13
N TYR A 195 -16.06 5.07 26.72
CA TYR A 195 -16.89 6.28 26.70
C TYR A 195 -18.09 6.13 25.77
N GLY A 196 -17.86 5.68 24.53
CA GLY A 196 -18.91 5.59 23.54
C GLY A 196 -19.01 6.85 22.70
N SER A 197 -19.73 6.73 21.60
CA SER A 197 -19.90 7.83 20.66
C SER A 197 -21.13 7.58 19.81
N THR A 198 -21.77 8.67 19.38
CA THR A 198 -22.94 8.58 18.54
C THR A 198 -22.62 7.81 17.26
N GLN A 199 -23.42 6.80 16.97
CA GLN A 199 -23.16 5.88 15.86
C GLN A 199 -23.98 6.27 14.64
N TYR A 200 -23.35 6.18 13.48
CA TYR A 200 -23.98 6.47 12.20
C TYR A 200 -23.96 5.19 11.37
N ILE A 201 -25.15 4.72 10.99
CA ILE A 201 -25.29 3.46 10.27
C ILE A 201 -25.72 3.78 8.85
N ARG A 202 -24.92 3.32 7.89
CA ARG A 202 -25.30 3.32 6.48
C ARG A 202 -26.10 2.05 6.22
N PHE A 203 -27.34 2.20 5.79
CA PHE A 203 -28.23 1.06 5.66
C PHE A 203 -29.40 1.43 4.75
N SER A 204 -29.88 0.44 3.99
CA SER A 204 -31.03 0.61 3.13
C SER A 204 -31.98 -0.56 3.33
N PRO A 205 -33.25 -0.31 3.63
CA PRO A 205 -34.22 -1.42 3.69
C PRO A 205 -34.72 -1.87 2.32
N ASP A 206 -34.20 -1.29 1.24
CA ASP A 206 -34.64 -1.62 -0.10
C ASP A 206 -33.71 -2.60 -0.82
N PHE A 207 -32.68 -3.07 -0.14
CA PHE A 207 -31.73 -4.01 -0.75
C PHE A 207 -31.43 -5.12 0.24
N THR A 208 -31.11 -6.29 -0.32
CA THR A 208 -30.78 -7.46 0.47
C THR A 208 -29.85 -8.34 -0.34
N PHE A 209 -29.02 -9.10 0.36
CA PHE A 209 -28.02 -9.95 -0.29
C PHE A 209 -28.55 -11.35 -0.49
N GLY A 210 -28.10 -11.99 -1.57
CA GLY A 210 -28.48 -13.37 -1.85
C GLY A 210 -27.43 -14.33 -1.32
N PHE A 211 -27.91 -15.48 -0.85
CA PHE A 211 -27.05 -16.52 -0.31
C PHE A 211 -27.68 -17.87 -0.59
N GLU A 212 -26.95 -18.93 -0.28
CA GLU A 212 -27.37 -20.29 -0.55
C GLU A 212 -27.63 -21.04 0.75
N GLU A 213 -28.72 -21.81 0.75
CA GLU A 213 -28.98 -22.68 1.91
C GLU A 213 -27.90 -23.74 2.06
N SER A 214 -27.46 -24.33 0.95
CA SER A 214 -26.41 -25.34 0.98
C SER A 214 -25.08 -24.69 1.35
N LEU A 215 -24.50 -25.12 2.47
CA LEU A 215 -23.28 -24.51 2.95
C LEU A 215 -22.13 -24.71 1.97
N GLU A 216 -22.04 -25.90 1.36
CA GLU A 216 -20.96 -26.15 0.41
C GLU A 216 -20.96 -25.12 -0.70
N VAL A 217 -22.13 -24.79 -1.23
CA VAL A 217 -22.21 -23.81 -2.32
C VAL A 217 -21.94 -22.40 -1.78
N ASP A 218 -22.39 -22.12 -0.57
CA ASP A 218 -22.31 -20.75 -0.05
C ASP A 218 -20.87 -20.33 0.20
N THR A 219 -20.00 -21.27 0.56
CA THR A 219 -18.60 -20.99 0.83
C THR A 219 -17.74 -21.09 -0.41
N ASN A 220 -18.34 -21.20 -1.61
CA ASN A 220 -17.59 -21.28 -2.85
C ASN A 220 -17.77 -19.99 -3.64
N PRO A 221 -16.70 -19.25 -3.95
CA PRO A 221 -16.89 -18.00 -4.70
C PRO A 221 -17.50 -18.19 -6.08
N LEU A 222 -17.30 -19.34 -6.71
CA LEU A 222 -17.65 -19.54 -8.11
C LEU A 222 -19.01 -20.21 -8.33
N LEU A 223 -19.71 -20.59 -7.27
CA LEU A 223 -20.98 -21.29 -7.40
C LEU A 223 -22.08 -20.54 -6.66
N GLY A 224 -23.32 -20.89 -6.98
CA GLY A 224 -24.47 -20.28 -6.35
C GLY A 224 -24.84 -18.93 -6.94
N ALA A 225 -26.15 -18.68 -7.13
CA ALA A 225 -26.62 -17.45 -7.75
C ALA A 225 -27.54 -16.66 -6.84
N GLY A 226 -27.53 -16.94 -5.54
CA GLY A 226 -28.37 -16.23 -4.60
C GLY A 226 -29.74 -16.86 -4.48
N LYS A 227 -29.78 -18.15 -4.19
CA LYS A 227 -31.04 -18.88 -4.14
C LYS A 227 -32.00 -18.28 -3.12
N PHE A 228 -31.48 -17.76 -2.01
CA PHE A 228 -32.27 -17.18 -0.94
C PHE A 228 -31.89 -15.72 -0.74
N ALA A 229 -32.67 -15.03 0.11
CA ALA A 229 -32.50 -13.62 0.36
C ALA A 229 -32.36 -13.37 1.86
N THR A 230 -31.38 -12.56 2.24
CA THR A 230 -31.21 -12.17 3.63
C THR A 230 -32.38 -11.32 4.09
N ASP A 231 -32.84 -11.57 5.31
CA ASP A 231 -33.90 -10.76 5.89
C ASP A 231 -33.31 -9.44 6.36
N PRO A 232 -33.77 -8.30 5.87
CA PRO A 232 -33.11 -7.03 6.22
C PRO A 232 -33.10 -6.72 7.72
N ALA A 233 -34.03 -7.28 8.49
CA ALA A 233 -34.01 -7.04 9.93
C ALA A 233 -32.80 -7.68 10.60
N VAL A 234 -32.31 -8.78 10.06
CA VAL A 234 -31.07 -9.38 10.56
C VAL A 234 -29.87 -8.52 10.16
N THR A 235 -29.88 -8.01 8.93
CA THR A 235 -28.80 -7.13 8.48
C THR A 235 -28.74 -5.88 9.35
N LEU A 236 -29.89 -5.25 9.59
CA LEU A 236 -29.90 -4.09 10.49
C LEU A 236 -29.60 -4.52 11.92
N ALA A 237 -30.07 -5.70 12.34
CA ALA A 237 -29.73 -6.19 13.66
C ALA A 237 -28.23 -6.43 13.78
N HIS A 238 -27.56 -6.78 12.67
CA HIS A 238 -26.12 -6.96 12.67
C HIS A 238 -25.40 -5.64 12.90
N GLU A 239 -25.87 -4.57 12.27
CA GLU A 239 -25.23 -3.26 12.45
C GLU A 239 -25.62 -2.62 13.78
N LEU A 240 -26.81 -2.95 14.29
CA LEU A 240 -27.19 -2.48 15.62
C LEU A 240 -26.35 -3.11 16.71
N ILE A 241 -25.77 -4.28 16.46
CA ILE A 241 -24.86 -4.90 17.42
C ILE A 241 -23.51 -4.19 17.40
N HIS A 242 -23.05 -3.80 16.22
CA HIS A 242 -21.88 -2.92 16.14
C HIS A 242 -22.10 -1.65 16.95
N ALA A 243 -23.31 -1.08 16.88
CA ALA A 243 -23.58 0.13 17.64
C ALA A 243 -23.54 -0.15 19.14
N GLY A 244 -24.13 -1.28 19.56
CA GLY A 244 -24.11 -1.62 20.97
C GLY A 244 -22.71 -1.79 21.51
N HIS A 245 -21.78 -2.25 20.67
CA HIS A 245 -20.39 -2.36 21.09
C HIS A 245 -19.74 -0.99 21.19
N ARG A 246 -19.89 -0.18 20.15
CA ARG A 246 -19.23 1.12 20.11
C ARG A 246 -19.90 2.12 21.03
N LEU A 247 -21.18 1.95 21.35
CA LEU A 247 -21.84 2.87 22.27
C LEU A 247 -21.40 2.64 23.71
N TYR A 248 -21.04 1.41 24.05
CA TYR A 248 -20.49 1.10 25.37
C TYR A 248 -18.97 1.10 25.36
N GLY A 249 -18.35 1.39 24.22
CA GLY A 249 -16.91 1.58 24.16
C GLY A 249 -16.08 0.34 24.34
N ILE A 250 -16.60 -0.83 23.95
CA ILE A 250 -15.89 -2.08 24.15
C ILE A 250 -15.59 -2.78 22.83
N ALA A 251 -15.53 -2.02 21.74
CA ALA A 251 -15.26 -2.61 20.44
C ALA A 251 -13.79 -2.98 20.33
N ILE A 252 -13.51 -3.98 19.50
CA ILE A 252 -12.15 -4.43 19.24
C ILE A 252 -11.58 -3.59 18.11
N ASN A 253 -10.29 -3.29 18.21
CA ASN A 253 -9.59 -2.57 17.14
C ASN A 253 -9.83 -3.26 15.81
N PRO A 254 -10.26 -2.55 14.77
CA PRO A 254 -10.56 -3.22 13.49
C PRO A 254 -9.37 -3.89 12.85
N ASN A 255 -8.15 -3.64 13.33
CA ASN A 255 -6.95 -4.26 12.78
C ASN A 255 -6.56 -5.55 13.50
N ARG A 256 -7.45 -6.09 14.33
CA ARG A 256 -7.22 -7.36 15.00
C ARG A 256 -7.91 -8.44 14.18
N VAL A 257 -7.20 -8.97 13.20
CA VAL A 257 -7.80 -9.79 12.17
C VAL A 257 -7.47 -11.25 12.40
N PHE A 258 -8.25 -12.12 11.77
CA PHE A 258 -8.08 -13.56 11.84
C PHE A 258 -7.59 -14.07 10.49
N LYS A 259 -6.50 -14.83 10.49
CA LYS A 259 -5.94 -15.41 9.28
C LYS A 259 -6.79 -16.63 8.95
N VAL A 260 -7.80 -16.42 8.08
CA VAL A 260 -8.75 -17.50 7.78
C VAL A 260 -8.01 -18.73 7.28
N ASN A 261 -8.10 -19.82 8.05
CA ASN A 261 -7.55 -21.11 7.66
C ASN A 261 -8.63 -22.16 7.43
N THR A 262 -9.89 -21.83 7.68
CA THR A 262 -10.99 -22.77 7.54
C THR A 262 -11.71 -22.67 6.21
N ASN A 263 -11.24 -21.83 5.29
CA ASN A 263 -11.86 -21.69 3.97
C ASN A 263 -10.75 -21.51 2.94
N ALA A 264 -10.48 -22.59 2.19
CA ALA A 264 -9.38 -22.58 1.24
C ALA A 264 -9.45 -21.38 0.32
N TYR A 265 -10.66 -20.99 -0.09
CA TYR A 265 -10.80 -19.86 -1.01
C TYR A 265 -10.39 -18.55 -0.34
N TYR A 266 -10.68 -18.39 0.95
CA TYR A 266 -10.15 -17.26 1.69
C TYR A 266 -8.63 -17.36 1.79
N GLU A 267 -8.13 -18.52 2.20
CA GLU A 267 -6.70 -18.72 2.36
C GLU A 267 -5.95 -18.46 1.06
N MET A 268 -6.55 -18.85 -0.06
CA MET A 268 -5.91 -18.61 -1.36
C MET A 268 -5.68 -17.12 -1.57
N SER A 269 -6.72 -16.31 -1.40
CA SER A 269 -6.63 -14.87 -1.57
C SER A 269 -5.95 -14.17 -0.40
N GLY A 270 -5.60 -14.91 0.66
CA GLY A 270 -4.97 -14.29 1.81
C GLY A 270 -5.87 -13.34 2.54
N LEU A 271 -7.17 -13.61 2.58
CA LEU A 271 -8.11 -12.74 3.26
C LEU A 271 -7.99 -12.90 4.78
N GLU A 272 -8.45 -11.86 5.49
CA GLU A 272 -8.45 -11.85 6.94
C GLU A 272 -9.66 -11.06 7.42
N VAL A 273 -10.48 -11.68 8.27
CA VAL A 273 -11.67 -11.05 8.81
C VAL A 273 -11.39 -10.57 10.23
N SER A 274 -11.90 -9.40 10.57
CA SER A 274 -11.62 -8.78 11.86
C SER A 274 -12.40 -9.46 12.97
N PHE A 275 -11.77 -9.56 14.15
CA PHE A 275 -12.44 -10.16 15.30
C PHE A 275 -13.77 -9.49 15.60
N GLU A 276 -13.87 -8.18 15.32
CA GLU A 276 -15.11 -7.47 15.62
C GLU A 276 -16.30 -8.10 14.91
N GLU A 277 -16.20 -8.29 13.59
CA GLU A 277 -17.31 -8.85 12.83
C GLU A 277 -17.55 -10.32 13.19
N LEU A 278 -16.50 -11.06 13.49
CA LEU A 278 -16.68 -12.43 13.94
C LEU A 278 -17.46 -12.48 15.25
N ARG A 279 -17.12 -11.57 16.18
CA ARG A 279 -17.87 -11.48 17.44
C ARG A 279 -19.33 -11.11 17.19
N THR A 280 -19.58 -10.19 16.26
CA THR A 280 -20.95 -9.76 16.01
C THR A 280 -21.80 -10.89 15.46
N PHE A 281 -21.21 -11.73 14.59
CA PHE A 281 -21.98 -12.81 14.00
C PHE A 281 -22.33 -13.88 15.03
N GLY A 282 -21.38 -14.20 15.91
CA GLY A 282 -21.65 -15.14 16.98
C GLY A 282 -21.58 -16.59 16.53
N GLY A 283 -22.32 -17.44 17.24
CA GLY A 283 -22.32 -18.85 16.90
C GLY A 283 -20.92 -19.41 16.87
N HIS A 284 -20.68 -20.33 15.93
CA HIS A 284 -19.36 -20.92 15.80
C HIS A 284 -18.31 -19.90 15.39
N ASP A 285 -18.72 -18.83 14.69
CA ASP A 285 -17.77 -17.83 14.25
C ASP A 285 -17.00 -17.20 15.42
N ALA A 286 -17.71 -16.84 16.48
CA ALA A 286 -17.05 -16.14 17.59
C ALA A 286 -16.05 -17.01 18.33
N LYS A 287 -15.98 -18.30 18.02
CA LYS A 287 -15.01 -19.19 18.66
C LYS A 287 -13.65 -19.18 17.98
N PHE A 288 -13.53 -18.58 16.78
CA PHE A 288 -12.21 -18.41 16.18
C PHE A 288 -11.30 -17.59 17.09
N ILE A 289 -11.87 -16.71 17.91
CA ILE A 289 -11.08 -16.03 18.94
C ILE A 289 -10.73 -17.04 20.03
N ASP A 290 -9.43 -17.15 20.33
CA ASP A 290 -8.96 -18.09 21.33
C ASP A 290 -9.13 -17.53 22.74
N SER A 291 -9.24 -18.44 23.72
CA SER A 291 -9.55 -18.03 25.08
C SER A 291 -8.57 -16.99 25.61
N LEU A 292 -7.31 -17.02 25.16
CA LEU A 292 -6.35 -16.00 25.60
C LEU A 292 -6.75 -14.62 25.08
N GLN A 293 -7.19 -14.55 23.81
CA GLN A 293 -7.60 -13.28 23.24
C GLN A 293 -8.86 -12.74 23.91
N GLU A 294 -9.86 -13.58 24.13
CA GLU A 294 -11.07 -13.11 24.80
C GLU A 294 -10.79 -12.65 26.23
N ASN A 295 -9.92 -13.35 26.96
CA ASN A 295 -9.66 -13.00 28.34
C ASN A 295 -9.04 -11.61 28.47
N GLU A 296 -8.09 -11.28 27.58
CA GLU A 296 -7.41 -9.98 27.70
C GLU A 296 -8.36 -8.82 27.45
N PHE A 297 -9.28 -8.96 26.48
CA PHE A 297 -10.20 -7.86 26.19
C PHE A 297 -11.15 -7.63 27.35
N ARG A 298 -11.74 -8.69 27.89
CA ARG A 298 -12.67 -8.54 29.00
C ARG A 298 -11.99 -7.81 30.16
N LEU A 299 -10.78 -8.26 30.53
CA LEU A 299 -10.04 -7.57 31.57
C LEU A 299 -9.65 -6.17 31.13
N TYR A 300 -9.29 -5.99 29.85
CA TYR A 300 -8.89 -4.67 29.39
C TYR A 300 -10.03 -3.66 29.51
N TYR A 301 -11.25 -4.08 29.23
CA TYR A 301 -12.41 -3.19 29.30
C TYR A 301 -13.02 -3.17 30.69
N TYR A 302 -12.79 -4.20 31.49
CA TYR A 302 -13.14 -4.13 32.91
C TYR A 302 -12.37 -3.02 33.61
N ASN A 303 -11.11 -2.81 33.21
CA ASN A 303 -10.34 -1.69 33.74
C ASN A 303 -10.82 -0.36 33.17
N LYS A 304 -11.31 -0.36 31.92
CA LYS A 304 -11.78 0.88 31.32
C LYS A 304 -13.00 1.41 32.06
N PHE A 305 -13.89 0.51 32.49
CA PHE A 305 -15.03 0.94 33.28
C PHE A 305 -14.59 1.49 34.63
N LYS A 306 -13.48 0.99 35.17
CA LYS A 306 -12.96 1.53 36.43
C LYS A 306 -12.45 2.96 36.25
N ASP A 307 -11.86 3.27 35.09
CA ASP A 307 -11.43 4.64 34.84
C ASP A 307 -12.63 5.58 34.73
N ILE A 308 -13.73 5.11 34.14
CA ILE A 308 -14.94 5.91 34.08
C ILE A 308 -15.57 6.05 35.47
N ALA A 309 -15.57 4.97 36.25
CA ALA A 309 -16.02 5.06 37.63
C ALA A 309 -15.15 6.01 38.43
N SER A 310 -13.85 6.07 38.11
CA SER A 310 -12.96 6.98 38.81
C SER A 310 -13.21 8.42 38.38
N THR A 311 -13.47 8.64 37.09
CA THR A 311 -13.78 9.98 36.62
C THR A 311 -15.07 10.49 37.24
N LEU A 312 -16.08 9.62 37.36
CA LEU A 312 -17.34 10.02 37.97
C LEU A 312 -17.17 10.36 39.45
N ASN A 313 -16.28 9.66 40.15
CA ASN A 313 -16.10 9.92 41.57
C ASN A 313 -15.37 11.23 41.80
N LYS A 314 -14.56 11.67 40.83
CA LYS A 314 -13.84 12.94 40.90
C LYS A 314 -14.59 14.06 40.21
N ALA A 315 -15.89 13.89 39.98
CA ALA A 315 -16.72 14.89 39.30
C ALA A 315 -17.18 15.94 40.30
N LYS A 316 -16.83 17.20 40.04
CA LYS A 316 -17.23 18.30 40.91
C LYS A 316 -18.22 19.26 40.27
N SER A 317 -18.34 19.26 38.94
CA SER A 317 -19.17 20.23 38.24
C SER A 317 -19.72 19.60 36.97
N ILE A 318 -20.72 20.27 36.40
CA ILE A 318 -21.31 19.87 35.13
C ILE A 318 -21.59 21.14 34.33
N VAL A 319 -21.30 21.07 33.02
CA VAL A 319 -21.40 22.24 32.15
C VAL A 319 -22.21 21.86 30.92
N GLY A 320 -23.01 22.82 30.44
CA GLY A 320 -23.73 22.65 29.20
C GLY A 320 -25.15 22.15 29.31
N THR A 321 -25.67 21.97 30.52
CA THR A 321 -27.03 21.47 30.69
C THR A 321 -27.64 22.05 31.95
N THR A 322 -28.96 21.91 32.06
CA THR A 322 -29.68 22.26 33.28
C THR A 322 -29.82 21.07 34.23
N ALA A 323 -29.39 19.89 33.81
CA ALA A 323 -29.40 18.73 34.68
C ALA A 323 -28.33 18.87 35.75
N SER A 324 -28.59 18.27 36.91
CA SER A 324 -27.67 18.35 38.04
C SER A 324 -26.51 17.38 37.85
N LEU A 325 -25.41 17.67 38.55
CA LEU A 325 -24.27 16.76 38.53
C LEU A 325 -24.67 15.37 39.01
N GLN A 326 -25.26 15.28 40.20
CA GLN A 326 -25.72 13.99 40.70
C GLN A 326 -26.58 13.27 39.68
N TYR A 327 -27.47 14.00 38.99
CA TYR A 327 -28.37 13.37 38.04
C TYR A 327 -27.61 12.77 36.86
N MET A 328 -26.56 13.44 36.39
CA MET A 328 -25.86 12.96 35.21
C MET A 328 -24.96 11.78 35.55
N LYS A 329 -24.48 11.70 36.79
CA LYS A 329 -23.79 10.50 37.24
C LYS A 329 -24.73 9.31 37.26
N ASN A 330 -25.99 9.55 37.64
CA ASN A 330 -26.96 8.46 37.73
C ASN A 330 -27.22 7.86 36.36
N VAL A 331 -27.27 8.68 35.32
CA VAL A 331 -27.47 8.18 33.96
C VAL A 331 -26.39 7.17 33.61
N PHE A 332 -25.16 7.40 34.08
CA PHE A 332 -24.02 6.54 33.75
C PHE A 332 -23.81 5.41 34.74
N LYS A 333 -24.42 5.49 35.92
CA LYS A 333 -24.48 4.33 36.80
C LYS A 333 -25.42 3.28 36.22
N GLU A 334 -26.52 3.73 35.60
CA GLU A 334 -27.48 2.82 34.98
C GLU A 334 -26.95 2.25 33.66
N LYS A 335 -26.10 3.00 32.96
CA LYS A 335 -25.54 2.50 31.70
C LYS A 335 -24.51 1.41 31.97
N TYR A 336 -23.45 1.75 32.70
CA TYR A 336 -22.38 0.82 32.97
C TYR A 336 -22.68 -0.12 34.14
N LEU A 337 -23.88 -0.06 34.71
CA LEU A 337 -24.26 -0.92 35.84
C LEU A 337 -23.20 -0.86 36.94
N LEU A 338 -22.72 0.34 37.23
CA LEU A 338 -21.82 0.53 38.35
C LEU A 338 -22.54 0.29 39.66
N SER A 339 -21.77 -0.04 40.69
CA SER A 339 -22.30 -0.23 42.03
C SER A 339 -21.99 1.00 42.89
N GLU A 340 -22.98 1.44 43.64
CA GLU A 340 -22.86 2.60 44.51
C GLU A 340 -22.92 2.14 45.96
N ASP A 341 -21.92 2.54 46.74
CA ASP A 341 -21.85 2.16 48.15
C ASP A 341 -22.59 3.19 49.00
N THR A 342 -22.51 3.03 50.33
CA THR A 342 -23.23 3.91 51.23
C THR A 342 -22.73 5.35 51.09
N SER A 343 -21.41 5.54 50.98
CA SER A 343 -20.85 6.88 50.87
C SER A 343 -21.10 7.51 49.51
N GLY A 344 -21.56 6.74 48.53
CA GLY A 344 -21.88 7.27 47.22
C GLY A 344 -20.78 7.16 46.20
N LYS A 345 -19.73 6.40 46.47
CA LYS A 345 -18.62 6.27 45.54
C LYS A 345 -18.91 5.13 44.57
N PHE A 346 -18.69 5.38 43.28
CA PHE A 346 -18.98 4.40 42.24
C PHE A 346 -17.85 3.37 42.15
N SER A 347 -18.24 2.11 41.95
CA SER A 347 -17.29 1.03 41.73
C SER A 347 -17.83 0.09 40.66
N VAL A 348 -16.94 -0.71 40.10
CA VAL A 348 -17.30 -1.74 39.13
C VAL A 348 -17.24 -3.10 39.83
N ASP A 349 -18.39 -3.77 39.92
CA ASP A 349 -18.48 -5.11 40.50
C ASP A 349 -18.19 -6.13 39.40
N LYS A 350 -17.07 -6.85 39.53
CA LYS A 350 -16.60 -7.71 38.44
C LYS A 350 -17.68 -8.62 37.90
N LEU A 351 -18.59 -9.10 38.76
CA LEU A 351 -19.64 -10.00 38.29
C LEU A 351 -20.74 -9.22 37.57
N LYS A 352 -21.12 -8.06 38.09
CA LYS A 352 -22.07 -7.22 37.37
C LYS A 352 -21.52 -6.87 35.99
N PHE A 353 -20.23 -6.57 35.92
CA PHE A 353 -19.62 -6.21 34.64
C PHE A 353 -19.64 -7.41 33.69
N ASP A 354 -19.25 -8.58 34.20
CA ASP A 354 -19.19 -9.77 33.35
C ASP A 354 -20.56 -10.11 32.76
N LYS A 355 -21.63 -9.86 33.53
CA LYS A 355 -22.96 -10.04 32.97
C LYS A 355 -23.22 -9.02 31.87
N LEU A 356 -22.84 -7.76 32.10
CA LEU A 356 -23.02 -6.73 31.08
C LEU A 356 -22.10 -6.95 29.90
N TYR A 357 -20.86 -7.42 30.14
CA TYR A 357 -19.94 -7.63 29.04
C TYR A 357 -20.40 -8.77 28.15
N LYS A 358 -20.80 -9.89 28.75
CA LYS A 358 -21.25 -11.03 27.96
C LYS A 358 -22.52 -10.72 27.19
N MET A 359 -23.33 -9.78 27.69
CA MET A 359 -24.58 -9.47 27.02
C MET A 359 -24.33 -8.83 25.67
N LEU A 360 -23.41 -7.88 25.60
CA LEU A 360 -23.16 -7.15 24.36
C LEU A 360 -22.27 -7.92 23.40
N THR A 361 -21.58 -8.96 23.84
CA THR A 361 -20.62 -9.67 23.01
C THR A 361 -21.08 -11.06 22.59
N GLU A 362 -21.69 -11.83 23.49
CA GLU A 362 -22.10 -13.19 23.20
C GLU A 362 -23.60 -13.38 23.06
N ILE A 363 -24.40 -12.43 23.51
CA ILE A 363 -25.85 -12.53 23.45
C ILE A 363 -26.44 -11.75 22.28
N TYR A 364 -25.96 -10.53 22.06
CA TYR A 364 -26.41 -9.73 20.93
C TYR A 364 -25.56 -10.15 19.73
N THR A 365 -26.05 -11.16 19.00
CA THR A 365 -25.31 -11.66 17.84
C THR A 365 -26.27 -11.88 16.68
N GLU A 366 -25.73 -11.74 15.47
CA GLU A 366 -26.50 -12.07 14.28
C GLU A 366 -27.08 -13.47 14.37
N ASP A 367 -26.30 -14.41 14.92
CA ASP A 367 -26.75 -15.80 15.03
C ASP A 367 -27.96 -15.93 15.95
N ASN A 368 -27.85 -15.42 17.19
CA ASN A 368 -28.99 -15.52 18.10
C ASN A 368 -30.23 -14.83 17.54
N PHE A 369 -30.05 -13.76 16.77
CA PHE A 369 -31.20 -13.07 16.18
C PHE A 369 -31.87 -13.93 15.11
N VAL A 370 -31.08 -14.70 14.34
CA VAL A 370 -31.66 -15.59 13.34
C VAL A 370 -32.46 -16.68 14.03
N LYS A 371 -31.98 -17.15 15.18
CA LYS A 371 -32.70 -18.16 15.94
C LYS A 371 -34.08 -17.67 16.35
N PHE A 372 -34.17 -16.40 16.78
CA PHE A 372 -35.44 -15.88 17.26
C PHE A 372 -36.34 -15.37 16.14
N PHE A 373 -35.77 -14.86 15.06
CA PHE A 373 -36.60 -14.49 13.91
C PHE A 373 -37.15 -15.72 13.20
N LYS A 374 -36.47 -16.86 13.32
CA LYS A 374 -36.87 -18.08 12.63
C LYS A 374 -36.80 -17.89 11.12
N VAL A 375 -35.69 -17.31 10.66
CA VAL A 375 -35.46 -17.03 9.26
C VAL A 375 -34.25 -17.85 8.80
N LEU A 376 -34.13 -18.01 7.49
CA LEU A 376 -32.93 -18.58 6.90
C LEU A 376 -31.88 -17.50 6.73
N ASN A 377 -30.63 -17.85 7.00
CA ASN A 377 -29.55 -16.88 7.02
C ASN A 377 -28.25 -17.60 6.72
N ARG A 378 -27.21 -16.82 6.42
CA ARG A 378 -25.88 -17.38 6.30
C ARG A 378 -25.50 -18.05 7.61
N LYS A 379 -24.84 -19.21 7.51
CA LYS A 379 -24.45 -19.98 8.67
C LYS A 379 -23.04 -19.63 9.16
N THR A 380 -22.39 -18.64 8.54
CA THR A 380 -21.08 -18.17 8.96
C THR A 380 -20.88 -16.79 8.34
N TYR A 381 -19.94 -16.04 8.92
CA TYR A 381 -19.54 -14.78 8.32
C TYR A 381 -18.55 -15.00 7.19
N LEU A 382 -17.89 -16.16 7.16
CA LEU A 382 -16.87 -16.46 6.17
C LEU A 382 -17.51 -17.16 4.98
N ASN A 383 -18.29 -16.39 4.23
CA ASN A 383 -18.97 -16.89 3.04
C ASN A 383 -18.76 -15.91 1.89
N PHE A 384 -19.45 -16.12 0.77
CA PHE A 384 -19.31 -15.27 -0.40
C PHE A 384 -20.70 -14.85 -0.85
N ASP A 385 -20.92 -13.54 -0.97
CA ASP A 385 -22.22 -13.03 -1.34
C ASP A 385 -22.48 -13.34 -2.81
N LYS A 386 -23.68 -13.83 -3.10
CA LYS A 386 -24.00 -14.36 -4.42
C LYS A 386 -24.75 -13.37 -5.30
N ALA A 387 -25.52 -12.45 -4.73
CA ALA A 387 -26.28 -11.51 -5.55
C ALA A 387 -26.86 -10.43 -4.64
N VAL A 388 -27.41 -9.39 -5.28
CA VAL A 388 -28.06 -8.28 -4.61
C VAL A 388 -29.45 -8.10 -5.20
N PHE A 389 -30.46 -8.01 -4.34
CA PHE A 389 -31.84 -7.90 -4.78
C PHE A 389 -32.45 -6.57 -4.34
N LYS A 390 -33.44 -6.13 -5.09
CA LYS A 390 -34.20 -4.92 -4.77
C LYS A 390 -35.54 -5.37 -4.21
N ILE A 391 -35.85 -4.95 -2.99
CA ILE A 391 -37.02 -5.40 -2.26
C ILE A 391 -37.83 -4.18 -1.85
N ASN A 392 -39.13 -4.40 -1.65
CA ASN A 392 -40.01 -3.40 -1.07
C ASN A 392 -40.75 -4.07 0.08
N ILE A 393 -40.34 -3.74 1.30
CA ILE A 393 -40.84 -4.39 2.51
C ILE A 393 -41.98 -3.63 3.16
N VAL A 394 -42.44 -2.53 2.56
CA VAL A 394 -43.46 -1.68 3.18
C VAL A 394 -44.83 -2.31 3.03
N PRO A 395 -45.23 -2.78 1.84
CA PRO A 395 -46.54 -3.43 1.72
C PRO A 395 -46.64 -4.65 2.62
N LYS A 396 -47.76 -4.77 3.33
CA LYS A 396 -47.99 -5.91 4.22
C LYS A 396 -48.22 -7.20 3.46
N VAL A 397 -48.49 -7.14 2.14
CA VAL A 397 -48.53 -8.35 1.33
C VAL A 397 -47.15 -8.79 0.89
N ASN A 398 -46.12 -7.98 1.16
CA ASN A 398 -44.73 -8.33 0.89
C ASN A 398 -44.00 -8.80 2.14
N TYR A 399 -44.17 -8.08 3.26
CA TYR A 399 -43.29 -8.23 4.41
C TYR A 399 -44.03 -7.71 5.64
N THR A 400 -44.09 -8.53 6.70
CA THR A 400 -44.82 -8.19 7.91
C THR A 400 -43.88 -8.13 9.11
N ILE A 401 -44.25 -7.31 10.09
CA ILE A 401 -43.44 -7.12 11.29
C ILE A 401 -43.09 -8.45 11.92
N TYR A 402 -44.10 -9.31 12.11
CA TYR A 402 -43.93 -10.51 12.91
C TYR A 402 -43.38 -11.70 12.14
N ASP A 403 -43.52 -11.72 10.82
CA ASP A 403 -43.07 -12.84 10.03
C ASP A 403 -42.11 -12.47 8.90
N GLY A 404 -41.91 -11.18 8.63
CA GLY A 404 -41.03 -10.80 7.53
C GLY A 404 -41.58 -11.31 6.21
N PHE A 405 -40.74 -12.04 5.47
CA PHE A 405 -41.16 -12.56 4.18
C PHE A 405 -41.97 -13.83 4.30
N ASN A 406 -41.76 -14.60 5.37
CA ASN A 406 -42.39 -15.91 5.52
C ASN A 406 -43.76 -15.74 6.20
N LEU A 407 -44.69 -15.18 5.41
CA LEU A 407 -45.99 -14.80 5.94
C LEU A 407 -46.73 -16.00 6.50
N ARG A 408 -47.50 -15.76 7.55
CA ARG A 408 -48.25 -16.83 8.21
C ARG A 408 -49.46 -17.25 7.39
N ASN A 409 -49.80 -18.54 7.48
CA ASN A 409 -51.02 -19.10 6.93
C ASN A 409 -50.99 -19.21 5.41
N THR A 410 -49.98 -18.63 4.77
CA THR A 410 -49.83 -18.71 3.33
C THR A 410 -48.87 -19.84 2.97
N ASN A 411 -48.63 -20.01 1.67
CA ASN A 411 -47.64 -20.98 1.20
C ASN A 411 -46.21 -20.51 1.42
N LEU A 412 -46.01 -19.30 1.93
CA LEU A 412 -44.67 -18.75 2.12
C LEU A 412 -44.10 -19.06 3.50
N ALA A 413 -44.84 -19.73 4.37
CA ALA A 413 -44.37 -19.99 5.72
C ALA A 413 -43.44 -21.19 5.78
N ALA A 414 -43.79 -22.28 5.11
CA ALA A 414 -43.03 -23.51 5.23
C ALA A 414 -41.71 -23.45 4.46
N ASN A 415 -40.66 -23.99 5.06
CA ASN A 415 -39.36 -24.13 4.41
C ASN A 415 -38.73 -22.79 4.05
N PHE A 416 -39.05 -21.76 4.81
CA PHE A 416 -38.53 -20.40 4.55
C PHE A 416 -38.81 -19.97 3.11
N ASN A 417 -39.94 -20.43 2.56
CA ASN A 417 -40.22 -20.16 1.15
C ASN A 417 -40.30 -18.67 0.87
N GLY A 418 -40.73 -17.87 1.85
CA GLY A 418 -40.83 -16.44 1.62
C GLY A 418 -39.50 -15.78 1.29
N GLN A 419 -38.40 -16.37 1.73
CA GLN A 419 -37.06 -15.88 1.43
C GLN A 419 -36.48 -16.48 0.14
N ASN A 420 -37.24 -17.33 -0.54
CA ASN A 420 -36.76 -17.96 -1.77
C ASN A 420 -37.00 -17.02 -2.94
N THR A 421 -35.92 -16.56 -3.58
CA THR A 421 -36.04 -15.51 -4.58
C THR A 421 -36.66 -15.96 -5.88
N GLU A 422 -36.93 -17.25 -6.06
CA GLU A 422 -37.67 -17.72 -7.23
C GLU A 422 -39.08 -18.18 -6.90
N ILE A 423 -39.28 -18.79 -5.73
CA ILE A 423 -40.64 -19.16 -5.33
C ILE A 423 -41.42 -17.92 -4.95
N ASN A 424 -40.77 -16.92 -4.34
CA ASN A 424 -41.40 -15.65 -4.06
C ASN A 424 -40.82 -14.60 -5.00
N ASN A 425 -40.78 -14.95 -6.29
CA ASN A 425 -40.04 -14.20 -7.30
C ASN A 425 -40.54 -12.77 -7.49
N MET A 426 -41.68 -12.41 -6.94
CA MET A 426 -42.21 -11.07 -7.13
C MET A 426 -41.69 -10.09 -6.10
N ASN A 427 -41.10 -10.58 -5.01
CA ASN A 427 -40.55 -9.72 -3.96
C ASN A 427 -39.04 -9.52 -4.07
N PHE A 428 -38.40 -10.12 -5.08
CA PHE A 428 -36.95 -10.03 -5.21
C PHE A 428 -36.59 -9.78 -6.66
N THR A 429 -36.00 -8.62 -6.94
CA THR A 429 -35.58 -8.25 -8.30
C THR A 429 -34.05 -8.23 -8.32
N LYS A 430 -33.47 -9.14 -9.09
CA LYS A 430 -32.02 -9.23 -9.17
C LYS A 430 -31.45 -8.04 -9.92
N LEU A 431 -30.40 -7.45 -9.37
CA LEU A 431 -29.72 -6.32 -9.98
C LEU A 431 -28.34 -6.66 -10.50
N LYS A 432 -27.58 -7.47 -9.75
CA LYS A 432 -26.21 -7.78 -10.13
C LYS A 432 -25.85 -9.18 -9.64
N ASN A 433 -25.06 -9.89 -10.44
CA ASN A 433 -24.60 -11.23 -10.12
C ASN A 433 -23.14 -11.18 -9.69
N PHE A 434 -22.89 -11.45 -8.41
CA PHE A 434 -21.52 -11.48 -7.90
C PHE A 434 -20.80 -12.76 -8.31
N THR A 435 -21.47 -13.90 -8.20
CA THR A 435 -20.91 -15.20 -8.55
C THR A 435 -20.12 -15.16 -9.85
N SER B 16 49.22 -2.55 -18.29
CA SER B 16 48.32 -2.20 -19.42
C SER B 16 46.93 -1.78 -18.91
N PRO B 17 46.27 -0.88 -19.62
CA PRO B 17 44.99 -0.35 -19.14
C PRO B 17 43.81 -1.26 -19.43
N PHE B 18 42.80 -1.15 -18.58
CA PHE B 18 41.53 -1.85 -18.83
C PHE B 18 40.79 -1.21 -19.99
N VAL B 19 40.78 0.11 -20.04
CA VAL B 19 40.14 0.89 -21.09
C VAL B 19 41.23 1.45 -21.97
N ASN B 20 41.34 0.95 -23.21
CA ASN B 20 42.47 1.33 -24.05
C ASN B 20 42.42 2.80 -24.43
N LYS B 21 41.24 3.31 -24.77
CA LYS B 21 41.10 4.65 -25.34
C LYS B 21 40.80 5.67 -24.26
N GLN B 22 41.28 6.89 -24.48
CA GLN B 22 40.87 8.06 -23.69
C GLN B 22 39.77 8.76 -24.48
N PHE B 23 38.53 8.34 -24.27
CA PHE B 23 37.42 8.85 -25.06
C PHE B 23 37.13 10.30 -24.72
N ASN B 24 36.72 11.05 -25.73
CA ASN B 24 36.20 12.40 -25.58
C ASN B 24 34.81 12.42 -26.18
N TYR B 25 33.83 12.89 -25.41
CA TYR B 25 32.46 12.89 -25.92
C TYR B 25 32.38 13.51 -27.30
N LYS B 26 33.20 14.54 -27.55
CA LYS B 26 33.26 15.20 -28.85
C LYS B 26 33.79 14.29 -29.95
N ASP B 27 34.42 13.17 -29.61
CA ASP B 27 35.01 12.33 -30.63
C ASP B 27 33.95 11.90 -31.64
N PRO B 28 34.33 11.77 -32.91
CA PRO B 28 33.35 11.32 -33.92
C PRO B 28 32.98 9.86 -33.72
N VAL B 29 31.76 9.53 -34.15
CA VAL B 29 31.26 8.17 -34.06
C VAL B 29 31.74 7.34 -35.24
N ASN B 30 32.43 6.24 -34.95
CA ASN B 30 32.89 5.31 -35.98
C ASN B 30 31.96 4.12 -36.16
N GLY B 31 30.94 3.98 -35.33
CA GLY B 31 30.01 2.87 -35.45
C GLY B 31 30.52 1.56 -34.89
N VAL B 32 31.70 1.55 -34.28
CA VAL B 32 32.31 0.34 -33.75
C VAL B 32 32.34 0.45 -32.24
N ASP B 33 33.25 1.29 -31.72
CA ASP B 33 33.33 1.55 -30.29
C ASP B 33 32.82 2.94 -29.93
N ILE B 34 32.29 3.69 -30.88
CA ILE B 34 31.65 4.99 -30.64
C ILE B 34 30.49 5.08 -31.62
N ALA B 35 29.26 4.99 -31.11
CA ALA B 35 28.12 4.92 -31.99
C ALA B 35 26.87 5.43 -31.30
N TYR B 36 25.86 5.73 -32.10
CA TYR B 36 24.52 6.04 -31.62
C TYR B 36 23.77 4.73 -31.51
N ILE B 37 23.12 4.49 -30.36
CA ILE B 37 22.50 3.20 -30.10
C ILE B 37 21.09 3.41 -29.56
N LYS B 38 20.32 2.33 -29.58
CA LYS B 38 19.00 2.28 -28.96
C LYS B 38 18.98 1.17 -27.91
N ILE B 39 18.55 1.53 -26.71
CA ILE B 39 18.46 0.64 -25.55
C ILE B 39 17.03 0.12 -25.50
N PRO B 40 16.77 -1.08 -24.97
CA PRO B 40 15.37 -1.48 -24.80
C PRO B 40 14.63 -0.46 -23.95
N ASN B 41 13.50 0.02 -24.47
CA ASN B 41 12.75 1.09 -23.84
C ASN B 41 11.27 0.90 -24.15
N ALA B 42 10.42 1.46 -23.27
CA ALA B 42 8.98 1.35 -23.47
C ALA B 42 8.51 2.25 -24.60
N GLY B 43 9.20 3.36 -24.83
CA GLY B 43 8.85 4.28 -25.89
C GLY B 43 9.52 3.93 -27.20
N GLN B 44 9.67 4.94 -28.06
CA GLN B 44 10.37 4.84 -29.32
C GLN B 44 11.53 5.82 -29.28
N MET B 45 12.46 5.58 -28.37
CA MET B 45 13.46 6.55 -28.00
C MET B 45 14.30 6.96 -29.21
N GLN B 46 14.76 8.21 -29.19
CA GLN B 46 15.73 8.65 -30.17
C GLN B 46 17.10 8.08 -29.81
N PRO B 47 17.88 7.64 -30.79
CA PRO B 47 19.20 7.10 -30.47
C PRO B 47 20.04 8.07 -29.68
N VAL B 48 20.86 7.53 -28.78
CA VAL B 48 21.77 8.31 -27.96
C VAL B 48 23.19 7.84 -28.21
N LYS B 49 24.14 8.71 -27.92
CA LYS B 49 25.55 8.42 -28.16
C LYS B 49 26.10 7.55 -27.03
N ALA B 50 26.78 6.46 -27.40
CA ALA B 50 27.33 5.53 -26.44
C ALA B 50 28.76 5.18 -26.81
N PHE B 51 29.57 4.87 -25.80
CA PHE B 51 30.98 4.59 -25.97
C PHE B 51 31.29 3.23 -25.38
N LYS B 52 31.91 2.37 -26.17
CA LYS B 52 32.33 1.03 -25.74
C LYS B 52 33.71 1.13 -25.10
N ILE B 53 33.74 1.26 -23.76
CA ILE B 53 35.00 1.42 -23.05
C ILE B 53 35.76 0.10 -22.93
N HIS B 54 35.10 -1.02 -23.15
CA HIS B 54 35.75 -2.32 -23.01
C HIS B 54 34.85 -3.36 -23.66
N ASN B 55 35.42 -4.53 -23.92
CA ASN B 55 34.66 -5.63 -24.48
C ASN B 55 33.42 -5.92 -23.65
N LYS B 56 32.27 -5.87 -24.30
CA LYS B 56 30.96 -6.21 -23.72
C LYS B 56 30.51 -5.19 -22.69
N ILE B 57 31.13 -4.01 -22.63
CA ILE B 57 30.78 -2.97 -21.68
C ILE B 57 30.59 -1.65 -22.44
N TRP B 58 29.47 -0.98 -22.19
CA TRP B 58 29.15 0.28 -22.84
C TRP B 58 28.85 1.35 -21.79
N VAL B 59 28.99 2.61 -22.21
CA VAL B 59 28.77 3.76 -21.34
C VAL B 59 27.89 4.75 -22.10
N ILE B 60 26.64 4.87 -21.68
CA ILE B 60 25.75 5.90 -22.22
C ILE B 60 25.78 7.09 -21.26
N PRO B 61 26.49 8.18 -21.57
CA PRO B 61 26.58 9.31 -20.64
C PRO B 61 25.34 10.21 -20.64
N GLU B 62 24.17 9.59 -20.62
CA GLU B 62 22.89 10.28 -20.60
C GLU B 62 22.19 10.06 -19.28
N ARG B 63 21.27 10.97 -18.96
CA ARG B 63 20.35 10.73 -17.86
C ARG B 63 19.38 9.63 -18.26
N ASP B 64 19.09 8.72 -17.33
CA ASP B 64 18.35 7.51 -17.66
C ASP B 64 16.86 7.77 -17.62
N THR B 65 16.31 8.16 -18.78
CA THR B 65 14.86 8.31 -18.94
C THR B 65 14.24 7.16 -19.74
N PHE B 66 15.02 6.13 -20.06
CA PHE B 66 14.59 5.08 -20.98
C PHE B 66 14.31 3.74 -20.30
N THR B 67 15.05 3.39 -19.25
CA THR B 67 14.91 2.06 -18.66
C THR B 67 13.55 1.86 -18.02
N ASN B 68 12.96 2.92 -17.48
CA ASN B 68 11.70 2.83 -16.76
C ASN B 68 10.60 3.57 -17.50
N PRO B 69 9.46 2.93 -17.77
CA PRO B 69 8.37 3.63 -18.47
C PRO B 69 7.72 4.72 -17.62
N GLU B 70 7.94 4.71 -16.31
CA GLU B 70 7.36 5.73 -15.43
C GLU B 70 8.31 6.88 -15.15
N GLU B 71 9.56 6.80 -15.61
CA GLU B 71 10.55 7.85 -15.40
C GLU B 71 10.95 8.51 -16.71
N GLY B 72 9.97 8.74 -17.59
CA GLY B 72 10.26 9.38 -18.86
C GLY B 72 10.79 10.79 -18.71
N ASP B 73 10.53 11.45 -17.58
CA ASP B 73 10.98 12.81 -17.35
C ASP B 73 11.87 12.85 -16.11
N LEU B 74 12.64 13.93 -16.01
CA LEU B 74 13.52 14.19 -14.87
C LEU B 74 12.87 15.10 -13.84
N ASN B 75 11.55 15.27 -13.90
CA ASN B 75 10.88 16.14 -12.94
C ASN B 75 10.87 15.46 -11.57
N PRO B 76 11.18 16.20 -10.51
CA PRO B 76 11.15 15.59 -9.17
C PRO B 76 9.73 15.40 -8.68
N PRO B 77 9.53 14.66 -7.59
CA PRO B 77 8.20 14.59 -6.98
C PRO B 77 7.90 15.86 -6.21
N PRO B 78 6.63 16.11 -5.88
CA PRO B 78 6.27 17.33 -5.13
C PRO B 78 7.22 17.64 -4.00
N GLU B 79 7.50 18.94 -3.80
CA GLU B 79 8.41 19.35 -2.74
C GLU B 79 8.04 18.79 -1.38
N ALA B 80 6.76 18.46 -1.17
CA ALA B 80 6.29 17.92 0.10
C ALA B 80 6.38 16.41 0.18
N LYS B 81 6.36 15.72 -0.96
CA LYS B 81 6.45 14.27 -1.00
C LYS B 81 7.88 13.77 -1.09
N GLN B 82 8.87 14.67 -1.07
CA GLN B 82 10.26 14.25 -1.18
C GLN B 82 10.75 13.62 0.12
N VAL B 83 11.53 12.55 -0.02
CA VAL B 83 12.17 11.90 1.12
C VAL B 83 13.44 12.69 1.41
N PRO B 84 13.82 12.88 2.68
CA PRO B 84 15.06 13.65 2.96
C PRO B 84 16.27 13.14 2.21
N VAL B 85 16.45 11.83 2.09
CA VAL B 85 17.66 11.26 1.48
C VAL B 85 17.40 11.13 -0.02
N SER B 86 17.55 12.24 -0.71
CA SER B 86 17.43 12.29 -2.17
C SER B 86 17.99 13.63 -2.62
N TYR B 87 18.40 13.71 -3.88
CA TYR B 87 18.85 14.97 -4.45
C TYR B 87 18.37 15.06 -5.89
N TYR B 88 17.77 16.21 -6.23
CA TYR B 88 17.17 16.42 -7.55
C TYR B 88 17.81 17.62 -8.23
N ASP B 89 18.12 17.45 -9.52
CA ASP B 89 18.73 18.51 -10.33
C ASP B 89 18.54 18.09 -11.79
N SER B 90 17.50 18.61 -12.42
CA SER B 90 17.15 18.22 -13.78
C SER B 90 18.18 18.67 -14.82
N THR B 91 19.08 19.60 -14.47
CA THR B 91 20.04 20.13 -15.43
C THR B 91 21.35 19.35 -15.46
N TYR B 92 21.59 18.46 -14.51
CA TYR B 92 22.83 17.71 -14.48
C TYR B 92 22.98 16.84 -15.73
N LEU B 93 24.24 16.72 -16.18
CA LEU B 93 24.59 15.83 -17.29
C LEU B 93 23.76 16.11 -18.54
N SER B 94 23.37 17.37 -18.73
CA SER B 94 22.59 17.75 -19.90
C SER B 94 23.43 18.39 -21.00
N THR B 95 24.57 18.97 -20.68
CA THR B 95 25.41 19.66 -21.65
C THR B 95 26.63 18.80 -22.02
N ASP B 96 27.16 19.07 -23.21
CA ASP B 96 28.24 18.24 -23.75
C ASP B 96 29.43 18.18 -22.80
N ASN B 97 29.80 19.30 -22.20
CA ASN B 97 31.02 19.32 -21.38
C ASN B 97 30.90 18.38 -20.19
N GLU B 98 29.73 18.31 -19.56
CA GLU B 98 29.57 17.39 -18.44
C GLU B 98 29.51 15.95 -18.92
N LYS B 99 29.05 15.72 -20.14
CA LYS B 99 29.03 14.35 -20.66
C LYS B 99 30.46 13.87 -20.91
N ASP B 100 31.33 14.75 -21.38
CA ASP B 100 32.74 14.42 -21.46
C ASP B 100 33.29 14.11 -20.07
N ASN B 101 33.06 15.01 -19.11
CA ASN B 101 33.56 14.81 -17.75
C ASN B 101 32.97 13.57 -17.11
N TYR B 102 31.67 13.33 -17.32
CA TYR B 102 31.06 12.10 -16.81
C TYR B 102 31.70 10.86 -17.41
N LEU B 103 31.94 10.87 -18.72
CA LEU B 103 32.51 9.71 -19.39
C LEU B 103 33.96 9.50 -18.97
N LYS B 104 34.72 10.59 -18.82
CA LYS B 104 36.11 10.45 -18.41
C LYS B 104 36.22 10.00 -16.96
N GLY B 105 35.28 10.42 -16.11
CA GLY B 105 35.30 9.97 -14.73
C GLY B 105 34.99 8.49 -14.60
N VAL B 106 33.97 8.02 -15.31
CA VAL B 106 33.62 6.60 -15.26
C VAL B 106 34.78 5.76 -15.76
N THR B 107 35.51 6.25 -16.76
CA THR B 107 36.67 5.51 -17.26
C THR B 107 37.75 5.43 -16.20
N LYS B 108 38.04 6.56 -15.53
CA LYS B 108 39.05 6.54 -14.49
C LYS B 108 38.64 5.64 -13.33
N LEU B 109 37.34 5.54 -13.06
CA LEU B 109 36.89 4.69 -11.96
C LEU B 109 37.03 3.21 -12.31
N PHE B 110 36.85 2.84 -13.58
CA PHE B 110 37.12 1.46 -13.97
C PHE B 110 38.60 1.16 -13.89
N GLU B 111 39.44 2.14 -14.25
CA GLU B 111 40.89 1.94 -14.16
C GLU B 111 41.31 1.70 -12.71
N ARG B 112 40.74 2.43 -11.77
CA ARG B 112 41.09 2.24 -10.37
C ARG B 112 40.66 0.87 -9.88
N ILE B 113 39.43 0.45 -10.22
CA ILE B 113 38.98 -0.89 -9.84
C ILE B 113 39.91 -1.95 -10.42
N TYR B 114 40.17 -1.87 -11.72
CA TYR B 114 40.94 -2.91 -12.40
C TYR B 114 42.39 -2.95 -11.95
N SER B 115 42.90 -1.88 -11.31
CA SER B 115 44.28 -1.85 -10.86
C SER B 115 44.47 -2.56 -9.53
N THR B 116 43.50 -3.36 -9.10
CA THR B 116 43.61 -4.20 -7.92
C THR B 116 43.33 -5.64 -8.31
N ASP B 117 44.08 -6.56 -7.71
CA ASP B 117 43.90 -7.97 -8.03
C ASP B 117 42.45 -8.38 -7.86
N LEU B 118 41.78 -7.84 -6.84
CA LEU B 118 40.37 -8.17 -6.64
C LEU B 118 39.51 -7.60 -7.75
N GLY B 119 39.71 -6.32 -8.08
CA GLY B 119 38.97 -5.73 -9.17
C GLY B 119 39.31 -6.31 -10.52
N ARG B 120 40.56 -6.74 -10.71
CA ARG B 120 40.92 -7.42 -11.95
C ARG B 120 40.11 -8.70 -12.12
N MET B 121 39.89 -9.42 -11.02
CA MET B 121 39.09 -10.64 -11.08
C MET B 121 37.60 -10.31 -11.25
N LEU B 122 37.12 -9.28 -10.54
CA LEU B 122 35.72 -8.90 -10.66
C LEU B 122 35.37 -8.54 -12.10
N LEU B 123 36.14 -7.64 -12.71
CA LEU B 123 35.85 -7.24 -14.08
C LEU B 123 36.08 -8.39 -15.07
N THR B 124 37.01 -9.30 -14.75
CA THR B 124 37.22 -10.43 -15.64
C THR B 124 36.05 -11.41 -15.58
N SER B 125 35.39 -11.52 -14.42
CA SER B 125 34.21 -12.38 -14.31
C SER B 125 33.00 -11.77 -15.00
N ILE B 126 32.93 -10.43 -15.06
CA ILE B 126 31.79 -9.77 -15.69
C ILE B 126 31.89 -9.89 -17.21
N VAL B 127 33.07 -9.64 -17.76
CA VAL B 127 33.24 -9.77 -19.21
C VAL B 127 33.09 -11.23 -19.63
N ARG B 128 33.45 -12.16 -18.74
CA ARG B 128 33.34 -13.59 -19.02
C ARG B 128 31.92 -14.10 -18.85
N GLY B 129 31.08 -13.38 -18.10
CA GLY B 129 29.73 -13.81 -17.84
C GLY B 129 28.73 -13.42 -18.91
N ILE B 130 28.77 -14.08 -20.06
CA ILE B 130 27.83 -13.76 -21.13
C ILE B 130 26.43 -14.18 -20.69
N PRO B 131 25.42 -13.32 -20.76
CA PRO B 131 24.05 -13.78 -20.51
C PRO B 131 23.72 -15.00 -21.35
N PHE B 132 23.12 -16.00 -20.71
CA PHE B 132 22.88 -17.29 -21.34
C PHE B 132 21.91 -17.14 -22.51
N TRP B 133 22.06 -18.04 -23.48
CA TRP B 133 21.22 -18.04 -24.69
C TRP B 133 20.04 -18.98 -24.49
N GLY B 134 19.12 -18.55 -23.62
CA GLY B 134 17.94 -19.32 -23.32
C GLY B 134 16.70 -18.74 -23.96
N GLY B 135 16.87 -18.02 -25.06
CA GLY B 135 15.77 -17.28 -25.65
C GLY B 135 14.86 -18.09 -26.54
N SER B 136 15.36 -19.16 -27.14
CA SER B 136 14.61 -19.87 -28.16
C SER B 136 13.31 -20.42 -27.60
N THR B 137 12.35 -20.62 -28.51
CA THR B 137 11.09 -21.31 -28.20
C THR B 137 11.15 -22.79 -28.50
N ILE B 138 12.21 -23.27 -29.15
CA ILE B 138 12.41 -24.69 -29.43
C ILE B 138 13.36 -25.26 -28.38
N ASP B 139 13.07 -26.48 -27.91
CA ASP B 139 13.79 -27.04 -26.77
C ASP B 139 15.28 -27.18 -27.03
N THR B 140 15.66 -27.48 -28.28
CA THR B 140 17.01 -27.96 -28.56
C THR B 140 17.92 -26.94 -29.24
N GLU B 141 17.44 -25.73 -29.53
CA GLU B 141 18.26 -24.73 -30.18
C GLU B 141 18.59 -23.60 -29.22
N LEU B 142 19.76 -23.01 -29.42
CA LEU B 142 20.25 -21.91 -28.61
C LEU B 142 20.00 -20.59 -29.33
N LYS B 143 19.51 -19.61 -28.58
CA LYS B 143 19.16 -18.31 -29.16
C LYS B 143 19.38 -17.23 -28.11
N VAL B 144 19.75 -16.04 -28.59
CA VAL B 144 20.03 -14.92 -27.70
C VAL B 144 18.72 -14.22 -27.35
N ILE B 145 18.57 -13.87 -26.07
CA ILE B 145 17.40 -13.10 -25.64
C ILE B 145 17.55 -11.68 -26.16
N ASP B 146 16.51 -11.19 -26.84
CA ASP B 146 16.63 -9.91 -27.55
C ASP B 146 17.00 -8.78 -26.60
N THR B 147 16.39 -8.74 -25.41
CA THR B 147 16.64 -7.65 -24.48
C THR B 147 18.03 -7.68 -23.86
N ASN B 148 18.81 -8.71 -24.13
CA ASN B 148 20.19 -8.77 -23.70
C ASN B 148 21.15 -8.18 -24.74
N CYS B 149 20.63 -7.47 -25.73
CA CYS B 149 21.42 -6.88 -26.79
C CYS B 149 21.03 -5.42 -26.96
N ILE B 150 21.75 -4.72 -27.85
CA ILE B 150 21.46 -3.32 -28.16
C ILE B 150 21.47 -3.11 -29.66
N ASN B 151 20.88 -2.00 -30.07
CA ASN B 151 20.73 -1.63 -31.47
C ASN B 151 21.76 -0.56 -31.79
N VAL B 152 22.80 -0.94 -32.53
CA VAL B 152 23.90 -0.04 -32.87
C VAL B 152 23.71 0.47 -34.29
N ILE B 153 23.84 1.79 -34.46
CA ILE B 153 23.55 2.42 -35.75
C ILE B 153 24.72 2.23 -36.71
N GLN B 154 24.39 1.94 -37.95
CA GLN B 154 25.35 1.76 -39.04
C GLN B 154 25.45 3.04 -39.85
N PRO B 155 26.38 3.10 -40.82
CA PRO B 155 26.41 4.31 -41.69
C PRO B 155 25.17 4.45 -42.56
N ASP B 156 24.64 3.34 -43.07
CA ASP B 156 23.45 3.38 -43.92
C ASP B 156 22.24 4.00 -43.21
N GLY B 157 22.27 4.08 -41.88
CA GLY B 157 21.07 4.29 -41.11
C GLY B 157 20.41 3.02 -40.66
N SER B 158 20.86 1.87 -41.17
CA SER B 158 20.41 0.57 -40.70
C SER B 158 20.84 0.36 -39.26
N TYR B 159 20.30 -0.69 -38.65
CA TYR B 159 20.54 -1.00 -37.25
C TYR B 159 21.16 -2.39 -37.16
N ARG B 160 22.34 -2.45 -36.54
CA ARG B 160 23.03 -3.71 -36.28
C ARG B 160 22.78 -4.12 -34.83
N SER B 161 22.30 -5.34 -34.63
CA SER B 161 22.12 -5.86 -33.29
C SER B 161 23.45 -6.35 -32.74
N GLU B 162 23.72 -6.03 -31.47
CA GLU B 162 25.00 -6.34 -30.85
C GLU B 162 24.80 -6.74 -29.40
N GLU B 163 25.58 -7.72 -28.95
CA GLU B 163 25.50 -8.23 -27.59
C GLU B 163 26.39 -7.43 -26.65
N LEU B 164 25.98 -7.36 -25.39
CA LEU B 164 26.75 -6.70 -24.35
C LEU B 164 26.29 -7.22 -23.01
N ASN B 165 27.15 -7.08 -22.00
CA ASN B 165 26.87 -7.55 -20.66
C ASN B 165 26.62 -6.44 -19.65
N LEU B 166 27.23 -5.28 -19.83
CA LEU B 166 27.10 -4.18 -18.88
C LEU B 166 26.89 -2.88 -19.62
N VAL B 167 26.12 -1.98 -18.99
CA VAL B 167 25.90 -0.64 -19.52
C VAL B 167 25.88 0.32 -18.33
N ILE B 168 26.78 1.29 -18.34
CA ILE B 168 26.83 2.34 -17.33
C ILE B 168 26.13 3.56 -17.91
N ILE B 169 25.04 3.99 -17.26
CA ILE B 169 24.25 5.12 -17.70
C ILE B 169 24.10 6.08 -16.53
N GLY B 170 23.73 7.32 -16.85
CA GLY B 170 23.58 8.33 -15.84
C GLY B 170 22.36 8.08 -14.97
N PRO B 171 22.24 8.83 -13.89
CA PRO B 171 21.09 8.65 -12.99
C PRO B 171 19.78 9.10 -13.65
N SER B 172 18.68 8.71 -13.01
CA SER B 172 17.35 9.12 -13.44
C SER B 172 16.94 10.38 -12.68
N ALA B 173 15.64 10.54 -12.41
CA ALA B 173 15.16 11.72 -11.71
C ALA B 173 15.90 11.91 -10.38
N ASP B 174 15.97 10.86 -9.57
CA ASP B 174 16.69 10.91 -8.29
C ASP B 174 18.17 10.67 -8.52
N ILE B 175 18.97 11.72 -8.41
CA ILE B 175 20.35 11.70 -8.87
C ILE B 175 21.20 10.70 -8.09
N ILE B 176 20.89 10.46 -6.81
CA ILE B 176 21.70 9.57 -6.00
C ILE B 176 21.05 8.21 -5.80
N GLN B 177 20.04 7.89 -6.61
CA GLN B 177 19.40 6.58 -6.58
C GLN B 177 20.20 5.64 -7.47
N PHE B 178 21.34 5.22 -6.95
CA PHE B 178 22.23 4.30 -7.65
C PHE B 178 21.72 2.87 -7.48
N GLU B 179 21.71 2.11 -8.58
CA GLU B 179 21.24 0.73 -8.52
C GLU B 179 21.68 0.01 -9.80
N CYS B 180 21.37 -1.29 -9.84
CA CYS B 180 21.67 -2.14 -10.99
C CYS B 180 20.40 -2.87 -11.38
N LYS B 181 19.91 -2.62 -12.60
CA LYS B 181 18.63 -3.15 -13.04
C LYS B 181 18.77 -3.78 -14.42
N SER B 182 17.93 -4.78 -14.69
CA SER B 182 17.94 -5.47 -15.97
C SER B 182 16.51 -5.69 -16.42
N PHE B 183 16.36 -6.10 -17.67
CA PHE B 183 15.04 -6.32 -18.26
C PHE B 183 14.67 -7.79 -18.13
N GLY B 184 13.38 -8.02 -17.86
CA GLY B 184 12.90 -9.35 -17.54
C GLY B 184 12.45 -10.14 -18.77
N HIS B 185 12.04 -11.37 -18.51
CA HIS B 185 11.48 -12.26 -19.52
C HIS B 185 10.10 -12.71 -19.07
N GLU B 186 9.20 -12.90 -20.05
CA GLU B 186 7.83 -13.26 -19.73
C GLU B 186 7.73 -14.58 -18.98
N VAL B 187 8.63 -15.52 -19.26
CA VAL B 187 8.56 -16.85 -18.68
C VAL B 187 9.81 -17.22 -17.90
N LEU B 188 10.87 -16.41 -17.94
CA LEU B 188 12.12 -16.75 -17.29
C LEU B 188 12.49 -15.71 -16.23
N ASN B 189 13.18 -16.17 -15.19
CA ASN B 189 13.67 -15.34 -14.11
C ASN B 189 15.18 -15.26 -14.25
N LEU B 190 15.63 -14.41 -15.19
CA LEU B 190 17.01 -14.45 -15.64
C LEU B 190 17.99 -14.19 -14.49
N THR B 191 17.61 -13.32 -13.55
CA THR B 191 18.51 -12.96 -12.47
C THR B 191 18.61 -14.02 -11.38
N ARG B 192 17.66 -14.97 -11.35
CA ARG B 192 17.62 -15.99 -10.31
C ARG B 192 17.43 -17.39 -10.89
N ASN B 193 17.76 -17.59 -12.16
CA ASN B 193 17.68 -18.90 -12.79
C ASN B 193 19.00 -19.36 -13.38
N GLY B 194 20.08 -18.58 -13.22
CA GLY B 194 21.37 -18.89 -13.76
C GLY B 194 21.68 -18.24 -15.09
N TYR B 195 20.64 -17.92 -15.88
CA TYR B 195 20.85 -17.44 -17.24
C TYR B 195 21.67 -16.16 -17.28
N GLY B 196 21.28 -15.17 -16.48
CA GLY B 196 21.91 -13.88 -16.53
C GLY B 196 21.19 -12.93 -17.47
N SER B 197 21.54 -11.65 -17.37
CA SER B 197 20.90 -10.64 -18.18
C SER B 197 21.81 -9.42 -18.25
N THR B 198 21.76 -8.72 -19.37
CA THR B 198 22.52 -7.48 -19.52
C THR B 198 22.11 -6.50 -18.44
N GLN B 199 23.09 -5.99 -17.70
CA GLN B 199 22.84 -5.14 -16.55
C GLN B 199 23.00 -3.67 -16.93
N TYR B 200 22.11 -2.84 -16.41
CA TYR B 200 22.13 -1.40 -16.61
C TYR B 200 22.33 -0.75 -15.25
N ILE B 201 23.40 0.02 -15.11
CA ILE B 201 23.79 0.63 -13.85
C ILE B 201 23.57 2.13 -13.96
N ARG B 202 22.72 2.67 -13.07
CA ARG B 202 22.59 4.10 -12.89
C ARG B 202 23.67 4.56 -11.91
N PHE B 203 24.55 5.45 -12.36
CA PHE B 203 25.71 5.82 -11.58
C PHE B 203 26.29 7.13 -12.10
N SER B 204 26.83 7.92 -11.18
CA SER B 204 27.49 9.17 -11.49
C SER B 204 28.80 9.26 -10.73
N PRO B 205 29.93 9.49 -11.41
CA PRO B 205 31.17 9.77 -10.68
C PRO B 205 31.30 11.19 -10.17
N ASP B 206 30.29 12.02 -10.38
CA ASP B 206 30.34 13.43 -9.98
C ASP B 206 29.62 13.70 -8.67
N PHE B 207 29.14 12.66 -8.00
CA PHE B 207 28.45 12.79 -6.72
C PHE B 207 28.95 11.70 -5.79
N THR B 208 28.93 11.99 -4.49
CA THR B 208 29.39 11.04 -3.49
C THR B 208 28.67 11.33 -2.17
N PHE B 209 28.54 10.29 -1.35
CA PHE B 209 27.83 10.40 -0.09
C PHE B 209 28.80 10.68 1.05
N GLY B 210 28.31 11.43 2.03
CA GLY B 210 29.08 11.74 3.22
C GLY B 210 28.71 10.79 4.34
N PHE B 211 29.72 10.45 5.16
CA PHE B 211 29.53 9.55 6.29
C PHE B 211 30.50 9.94 7.39
N GLU B 212 30.34 9.29 8.54
CA GLU B 212 31.13 9.60 9.72
C GLU B 212 32.06 8.43 10.05
N GLU B 213 33.31 8.76 10.41
CA GLU B 213 34.22 7.72 10.86
C GLU B 213 33.73 7.09 12.15
N SER B 214 33.24 7.91 13.08
CA SER B 214 32.74 7.40 14.35
C SER B 214 31.47 6.60 14.14
N LEU B 215 31.52 5.30 14.45
CA LEU B 215 30.38 4.43 14.21
C LEU B 215 29.18 4.84 15.05
N GLU B 216 29.43 5.25 16.30
CA GLU B 216 28.33 5.69 17.16
C GLU B 216 27.51 6.77 16.47
N VAL B 217 28.19 7.73 15.85
CA VAL B 217 27.48 8.78 15.14
C VAL B 217 26.88 8.27 13.84
N ASP B 218 27.56 7.34 13.17
CA ASP B 218 27.15 6.93 11.83
C ASP B 218 25.83 6.19 11.84
N THR B 219 25.53 5.46 12.91
CA THR B 219 24.28 4.71 13.01
C THR B 219 23.16 5.53 13.65
N ASN B 220 23.37 6.84 13.86
CA ASN B 220 22.34 7.71 14.41
C ASN B 220 21.84 8.65 13.35
N PRO B 221 20.55 8.63 12.99
CA PRO B 221 20.06 9.52 11.93
C PRO B 221 20.19 11.01 12.22
N LEU B 222 20.19 11.41 13.50
CA LEU B 222 20.07 12.82 13.87
C LEU B 222 21.39 13.53 14.10
N LEU B 223 22.52 12.83 14.00
CA LEU B 223 23.82 13.41 14.25
C LEU B 223 24.72 13.22 13.03
N GLY B 224 25.81 13.97 13.01
CA GLY B 224 26.77 13.86 11.93
C GLY B 224 26.35 14.62 10.68
N ALA B 225 27.29 15.32 10.05
CA ALA B 225 26.98 16.13 8.87
C ALA B 225 27.81 15.71 7.66
N GLY B 226 28.38 14.50 7.67
CA GLY B 226 29.16 14.03 6.54
C GLY B 226 30.63 14.39 6.64
N LYS B 227 31.24 14.02 7.76
CA LYS B 227 32.63 14.40 8.01
C LYS B 227 33.57 13.91 6.91
N PHE B 228 33.29 12.73 6.35
CA PHE B 228 34.10 12.12 5.32
C PHE B 228 33.27 11.90 4.06
N ALA B 229 33.95 11.48 3.00
CA ALA B 229 33.32 11.26 1.70
C ALA B 229 33.65 9.86 1.20
N THR B 230 32.63 9.15 0.74
CA THR B 230 32.84 7.83 0.16
C THR B 230 33.59 7.96 -1.15
N ASP B 231 34.51 7.04 -1.39
CA ASP B 231 35.25 7.01 -2.64
C ASP B 231 34.37 6.41 -3.72
N PRO B 232 34.11 7.11 -4.84
CA PRO B 232 33.18 6.57 -5.84
C PRO B 232 33.61 5.25 -6.43
N ALA B 233 34.90 4.89 -6.36
CA ALA B 233 35.33 3.59 -6.86
C ALA B 233 34.74 2.44 -6.04
N VAL B 234 34.49 2.70 -4.76
CA VAL B 234 33.78 1.73 -3.93
C VAL B 234 32.30 1.71 -4.31
N THR B 235 31.74 2.89 -4.58
CA THR B 235 30.35 2.96 -5.01
C THR B 235 30.14 2.19 -6.31
N LEU B 236 31.02 2.41 -7.29
CA LEU B 236 30.93 1.67 -8.54
C LEU B 236 31.26 0.19 -8.32
N ALA B 237 32.23 -0.10 -7.44
CA ALA B 237 32.54 -1.49 -7.13
C ALA B 237 31.38 -2.19 -6.43
N HIS B 238 30.58 -1.45 -5.68
CA HIS B 238 29.41 -2.05 -5.03
C HIS B 238 28.35 -2.43 -6.06
N GLU B 239 28.13 -1.58 -7.06
CA GLU B 239 27.11 -1.86 -8.07
C GLU B 239 27.56 -2.88 -9.10
N LEU B 240 28.87 -2.95 -9.37
CA LEU B 240 29.38 -3.99 -10.26
C LEU B 240 29.31 -5.37 -9.61
N ILE B 241 29.26 -5.43 -8.28
CA ILE B 241 29.08 -6.70 -7.59
C ILE B 241 27.63 -7.17 -7.73
N HIS B 242 26.68 -6.24 -7.66
CA HIS B 242 25.31 -6.56 -8.04
C HIS B 242 25.27 -7.15 -9.44
N ALA B 243 26.05 -6.58 -10.35
CA ALA B 243 26.07 -7.08 -11.73
C ALA B 243 26.62 -8.49 -11.80
N GLY B 244 27.69 -8.77 -11.05
CA GLY B 244 28.24 -10.11 -11.07
C GLY B 244 27.26 -11.17 -10.59
N HIS B 245 26.36 -10.79 -9.68
CA HIS B 245 25.34 -11.73 -9.23
C HIS B 245 24.27 -11.94 -10.30
N ARG B 246 23.73 -10.84 -10.83
CA ARG B 246 22.64 -10.95 -11.79
C ARG B 246 23.12 -11.46 -13.15
N LEU B 247 24.39 -11.26 -13.49
CA LEU B 247 24.91 -11.77 -14.75
C LEU B 247 25.12 -13.28 -14.69
N TYR B 248 25.38 -13.83 -13.51
CA TYR B 248 25.45 -15.27 -13.33
C TYR B 248 24.15 -15.85 -12.81
N GLY B 249 23.13 -15.01 -12.63
CA GLY B 249 21.80 -15.49 -12.28
C GLY B 249 21.68 -16.04 -10.87
N ILE B 250 22.50 -15.56 -9.94
CA ILE B 250 22.48 -16.07 -8.58
C ILE B 250 22.12 -14.98 -7.56
N ALA B 251 21.42 -13.94 -8.01
CA ALA B 251 21.01 -12.87 -7.11
C ALA B 251 19.84 -13.34 -6.26
N ILE B 252 19.71 -12.75 -5.08
CA ILE B 252 18.64 -13.09 -4.15
C ILE B 252 17.41 -12.26 -4.50
N ASN B 253 16.25 -12.88 -4.38
CA ASN B 253 14.99 -12.16 -4.56
C ASN B 253 14.99 -10.93 -3.65
N PRO B 254 14.69 -9.74 -4.18
CA PRO B 254 14.77 -8.53 -3.34
C PRO B 254 13.77 -8.53 -2.19
N ASN B 255 12.80 -9.44 -2.19
CA ASN B 255 11.81 -9.52 -1.12
C ASN B 255 12.23 -10.49 -0.01
N ARG B 256 13.47 -10.95 -0.02
CA ARG B 256 14.03 -11.78 1.05
C ARG B 256 14.79 -10.82 1.95
N VAL B 257 14.08 -10.20 2.88
CA VAL B 257 14.60 -9.06 3.62
C VAL B 257 14.90 -9.45 5.06
N PHE B 258 15.71 -8.62 5.71
CA PHE B 258 16.09 -8.79 7.11
C PHE B 258 15.46 -7.70 7.96
N LYS B 259 14.70 -8.11 8.99
CA LYS B 259 14.13 -7.17 9.96
C LYS B 259 15.20 -6.77 10.97
N VAL B 260 15.83 -5.64 10.68
CA VAL B 260 16.96 -5.13 11.47
C VAL B 260 16.55 -5.00 12.93
N ASN B 261 17.21 -5.77 13.79
CA ASN B 261 17.05 -5.67 15.23
C ASN B 261 18.32 -5.16 15.92
N THR B 262 19.39 -4.92 15.16
CA THR B 262 20.66 -4.48 15.69
C THR B 262 20.85 -2.97 15.65
N ASN B 263 19.83 -2.21 15.23
CA ASN B 263 19.90 -0.76 15.16
C ASN B 263 18.56 -0.22 15.63
N ALA B 264 18.52 0.30 16.85
CA ALA B 264 17.26 0.74 17.44
C ALA B 264 16.50 1.67 16.51
N TYR B 265 17.22 2.54 15.80
CA TYR B 265 16.57 3.50 14.91
C TYR B 265 15.94 2.81 13.72
N TYR B 266 16.58 1.76 13.19
CA TYR B 266 15.94 0.94 12.16
C TYR B 266 14.72 0.23 12.74
N GLU B 267 14.89 -0.41 13.90
CA GLU B 267 13.79 -1.14 14.52
C GLU B 267 12.60 -0.21 14.77
N MET B 268 12.87 1.04 15.15
CA MET B 268 11.80 1.99 15.38
C MET B 268 10.98 2.21 14.11
N SER B 269 11.65 2.52 13.01
CA SER B 269 10.98 2.75 11.74
C SER B 269 10.52 1.46 11.08
N GLY B 270 10.86 0.31 11.65
CA GLY B 270 10.46 -0.95 11.04
C GLY B 270 11.07 -1.17 9.68
N LEU B 271 12.28 -0.68 9.46
CA LEU B 271 12.95 -0.85 8.18
C LEU B 271 13.49 -2.27 8.05
N GLU B 272 13.71 -2.69 6.82
CA GLU B 272 14.23 -4.03 6.54
C GLU B 272 15.12 -3.96 5.30
N VAL B 273 16.35 -4.44 5.42
CA VAL B 273 17.29 -4.44 4.30
C VAL B 273 17.27 -5.81 3.65
N SER B 274 17.35 -5.83 2.33
CA SER B 274 17.28 -7.07 1.58
C SER B 274 18.59 -7.85 1.67
N PHE B 275 18.48 -9.17 1.71
CA PHE B 275 19.67 -10.02 1.80
C PHE B 275 20.66 -9.71 0.68
N GLU B 276 20.17 -9.32 -0.50
CA GLU B 276 21.07 -9.04 -1.61
C GLU B 276 22.10 -8.00 -1.22
N GLU B 277 21.65 -6.85 -0.72
CA GLU B 277 22.59 -5.78 -0.39
C GLU B 277 23.47 -6.16 0.80
N LEU B 278 22.92 -6.90 1.77
CA LEU B 278 23.74 -7.36 2.88
C LEU B 278 24.83 -8.31 2.40
N ARG B 279 24.49 -9.24 1.52
CA ARG B 279 25.50 -10.12 0.93
C ARG B 279 26.50 -9.30 0.12
N THR B 280 26.01 -8.32 -0.64
CA THR B 280 26.90 -7.52 -1.48
C THR B 280 27.88 -6.72 -0.64
N PHE B 281 27.44 -6.19 0.50
CA PHE B 281 28.33 -5.43 1.35
C PHE B 281 29.36 -6.33 2.03
N GLY B 282 28.96 -7.52 2.46
CA GLY B 282 29.90 -8.46 3.02
C GLY B 282 30.29 -8.12 4.44
N GLY B 283 31.49 -8.53 4.82
CA GLY B 283 31.98 -8.30 6.17
C GLY B 283 31.01 -8.87 7.19
N HIS B 284 30.89 -8.17 8.31
CA HIS B 284 29.98 -8.64 9.35
C HIS B 284 28.53 -8.60 8.90
N ASP B 285 28.19 -7.72 7.96
CA ASP B 285 26.81 -7.59 7.53
C ASP B 285 26.26 -8.92 7.02
N ALA B 286 27.05 -9.64 6.24
CA ALA B 286 26.57 -10.87 5.63
C ALA B 286 26.31 -11.99 6.64
N LYS B 287 26.66 -11.79 7.91
CA LYS B 287 26.37 -12.80 8.93
C LYS B 287 24.94 -12.72 9.44
N PHE B 288 24.22 -11.62 9.17
CA PHE B 288 22.82 -11.55 9.56
C PHE B 288 22.01 -12.65 8.91
N ILE B 289 22.41 -13.09 7.72
CA ILE B 289 21.78 -14.25 7.09
C ILE B 289 22.20 -15.50 7.85
N ASP B 290 21.23 -16.31 8.26
CA ASP B 290 21.54 -17.50 9.02
C ASP B 290 22.03 -18.60 8.08
N SER B 291 22.88 -19.48 8.64
CA SER B 291 23.51 -20.51 7.81
C SER B 291 22.49 -21.36 7.09
N LEU B 292 21.30 -21.55 7.68
CA LEU B 292 20.30 -22.41 7.05
C LEU B 292 19.82 -21.82 5.73
N GLN B 293 19.57 -20.50 5.69
CA GLN B 293 19.12 -19.89 4.44
C GLN B 293 20.23 -19.85 3.39
N GLU B 294 21.46 -19.49 3.79
CA GLU B 294 22.52 -19.34 2.80
C GLU B 294 22.79 -20.68 2.11
N ASN B 295 22.82 -21.78 2.88
CA ASN B 295 23.01 -23.09 2.26
C ASN B 295 21.85 -23.40 1.32
N GLU B 296 20.63 -22.99 1.71
CA GLU B 296 19.47 -23.24 0.88
C GLU B 296 19.65 -22.62 -0.50
N PHE B 297 20.22 -21.41 -0.54
CA PHE B 297 20.44 -20.74 -1.82
C PHE B 297 21.51 -21.47 -2.64
N ARG B 298 22.62 -21.86 -2.00
CA ARG B 298 23.67 -22.56 -2.74
C ARG B 298 23.12 -23.80 -3.44
N LEU B 299 22.37 -24.63 -2.71
CA LEU B 299 21.79 -25.82 -3.33
C LEU B 299 20.78 -25.41 -4.39
N TYR B 300 20.01 -24.36 -4.13
CA TYR B 300 19.02 -23.93 -5.10
C TYR B 300 19.67 -23.56 -6.42
N TYR B 301 20.85 -22.94 -6.37
CA TYR B 301 21.55 -22.53 -7.57
C TYR B 301 22.51 -23.58 -8.09
N TYR B 302 22.96 -24.52 -7.25
CA TYR B 302 23.68 -25.66 -7.79
C TYR B 302 22.78 -26.48 -8.69
N ASN B 303 21.49 -26.57 -8.35
CA ASN B 303 20.54 -27.22 -9.24
C ASN B 303 20.29 -26.39 -10.49
N LYS B 304 20.32 -25.06 -10.36
CA LYS B 304 20.08 -24.20 -11.51
C LYS B 304 21.19 -24.36 -12.55
N PHE B 305 22.45 -24.47 -12.11
CA PHE B 305 23.54 -24.71 -13.03
C PHE B 305 23.41 -26.08 -13.70
N LYS B 306 22.82 -27.05 -13.00
CA LYS B 306 22.59 -28.35 -13.59
C LYS B 306 21.58 -28.27 -14.72
N ASP B 307 20.56 -27.41 -14.57
CA ASP B 307 19.60 -27.21 -15.64
C ASP B 307 20.24 -26.56 -16.85
N ILE B 308 21.20 -25.65 -16.63
CA ILE B 308 21.93 -25.06 -17.74
C ILE B 308 22.85 -26.09 -18.38
N ALA B 309 23.50 -26.92 -17.56
CA ALA B 309 24.30 -28.01 -18.09
C ALA B 309 23.44 -29.00 -18.87
N SER B 310 22.19 -29.20 -18.44
CA SER B 310 21.29 -30.09 -19.16
C SER B 310 20.83 -29.48 -20.47
N THR B 311 20.56 -28.18 -20.48
CA THR B 311 20.16 -27.52 -21.71
C THR B 311 21.30 -27.54 -22.73
N LEU B 312 22.53 -27.33 -22.26
CA LEU B 312 23.67 -27.35 -23.16
C LEU B 312 23.88 -28.73 -23.78
N ASN B 313 23.59 -29.79 -23.03
CA ASN B 313 23.81 -31.13 -23.54
C ASN B 313 22.78 -31.55 -24.57
N LYS B 314 21.55 -31.02 -24.50
CA LYS B 314 20.52 -31.34 -25.46
C LYS B 314 20.42 -30.31 -26.59
N ALA B 315 21.49 -29.52 -26.77
CA ALA B 315 21.50 -28.50 -27.81
C ALA B 315 21.90 -29.13 -29.14
N LYS B 316 21.04 -28.99 -30.14
CA LYS B 316 21.30 -29.53 -31.47
C LYS B 316 21.54 -28.47 -32.53
N SER B 317 21.16 -27.21 -32.27
CA SER B 317 21.26 -26.17 -33.28
C SER B 317 21.55 -24.84 -32.60
N ILE B 318 22.00 -23.88 -33.40
CA ILE B 318 22.23 -22.51 -32.95
C ILE B 318 21.78 -21.60 -34.08
N VAL B 319 21.08 -20.52 -33.73
CA VAL B 319 20.48 -19.62 -34.70
C VAL B 319 20.81 -18.18 -34.32
N GLY B 320 20.99 -17.35 -35.34
CA GLY B 320 21.20 -15.92 -35.16
C GLY B 320 22.63 -15.45 -35.19
N THR B 321 23.59 -16.34 -35.44
CA THR B 321 24.99 -15.92 -35.51
C THR B 321 25.72 -16.81 -36.51
N THR B 322 26.92 -16.37 -36.88
CA THR B 322 27.83 -17.17 -37.69
C THR B 322 28.78 -18.01 -36.84
N ALA B 323 28.77 -17.83 -35.52
CA ALA B 323 29.56 -18.67 -34.64
C ALA B 323 28.97 -20.07 -34.60
N SER B 324 29.84 -21.05 -34.41
CA SER B 324 29.40 -22.44 -34.41
C SER B 324 28.77 -22.81 -33.08
N LEU B 325 27.91 -23.83 -33.13
CA LEU B 325 27.33 -24.37 -31.90
C LEU B 325 28.43 -24.81 -30.94
N GLN B 326 29.36 -25.63 -31.43
CA GLN B 326 30.47 -26.08 -30.59
C GLN B 326 31.15 -24.92 -29.90
N TYR B 327 31.37 -23.82 -30.63
CA TYR B 327 32.05 -22.67 -30.04
C TYR B 327 31.19 -21.98 -28.99
N MET B 328 29.88 -21.86 -29.23
CA MET B 328 29.01 -21.15 -28.30
C MET B 328 28.69 -21.98 -27.07
N LYS B 329 28.69 -23.30 -27.18
CA LYS B 329 28.59 -24.12 -25.97
C LYS B 329 29.83 -23.92 -25.09
N ASN B 330 30.99 -23.73 -25.72
CA ASN B 330 32.21 -23.54 -24.95
C ASN B 330 32.17 -22.24 -24.16
N VAL B 331 31.60 -21.18 -24.75
CA VAL B 331 31.54 -19.90 -24.06
C VAL B 331 30.91 -20.04 -22.68
N PHE B 332 29.90 -20.92 -22.57
CA PHE B 332 29.18 -21.07 -21.32
C PHE B 332 29.76 -22.16 -20.44
N LYS B 333 30.60 -23.04 -20.97
CA LYS B 333 31.39 -23.94 -20.12
C LYS B 333 32.46 -23.16 -19.37
N GLU B 334 33.04 -22.14 -20.02
CA GLU B 334 34.04 -21.31 -19.36
C GLU B 334 33.40 -20.33 -18.38
N LYS B 335 32.15 -19.95 -18.63
CA LYS B 335 31.46 -19.04 -17.72
C LYS B 335 31.07 -19.77 -16.44
N TYR B 336 30.27 -20.83 -16.56
CA TYR B 336 29.81 -21.57 -15.40
C TYR B 336 30.83 -22.59 -14.92
N LEU B 337 32.02 -22.64 -15.52
CA LEU B 337 33.06 -23.59 -15.13
C LEU B 337 32.52 -25.01 -15.10
N LEU B 338 31.72 -25.35 -16.11
CA LEU B 338 31.24 -26.71 -16.23
C LEU B 338 32.41 -27.63 -16.58
N SER B 339 32.24 -28.91 -16.25
CA SER B 339 33.22 -29.94 -16.59
C SER B 339 32.71 -30.73 -17.80
N GLU B 340 33.61 -30.99 -18.73
CA GLU B 340 33.30 -31.73 -19.95
C GLU B 340 33.99 -33.09 -19.90
N ASP B 341 33.23 -34.15 -20.11
CA ASP B 341 33.80 -35.49 -20.09
C ASP B 341 34.30 -35.86 -21.49
N THR B 342 34.75 -37.11 -21.64
CA THR B 342 35.29 -37.55 -22.91
C THR B 342 34.25 -37.51 -24.02
N SER B 343 33.03 -37.96 -23.72
CA SER B 343 31.96 -38.01 -24.71
C SER B 343 31.41 -36.64 -25.10
N GLY B 344 31.76 -35.59 -24.36
CA GLY B 344 31.33 -34.24 -24.67
C GLY B 344 30.11 -33.75 -23.92
N LYS B 345 29.66 -34.46 -22.89
CA LYS B 345 28.51 -34.04 -22.09
C LYS B 345 28.98 -33.14 -20.94
N PHE B 346 28.28 -32.02 -20.77
CA PHE B 346 28.61 -31.06 -19.73
C PHE B 346 28.00 -31.50 -18.40
N SER B 347 28.74 -31.28 -17.32
CA SER B 347 28.23 -31.54 -15.98
C SER B 347 28.67 -30.40 -15.07
N VAL B 348 27.99 -30.28 -13.94
CA VAL B 348 28.37 -29.30 -12.91
C VAL B 348 29.04 -30.07 -11.79
N ASP B 349 30.33 -29.82 -11.60
CA ASP B 349 31.10 -30.43 -10.52
C ASP B 349 31.01 -29.52 -9.30
N LYS B 350 30.32 -29.99 -8.26
CA LYS B 350 30.02 -29.13 -7.12
C LYS B 350 31.25 -28.40 -6.60
N LEU B 351 32.42 -29.01 -6.72
CA LEU B 351 33.62 -28.35 -6.20
C LEU B 351 33.99 -27.15 -7.05
N LYS B 352 33.91 -27.28 -8.37
CA LYS B 352 34.08 -26.12 -9.24
C LYS B 352 33.03 -25.06 -8.93
N PHE B 353 31.78 -25.48 -8.71
CA PHE B 353 30.70 -24.54 -8.46
C PHE B 353 30.86 -23.80 -7.14
N ASP B 354 31.16 -24.54 -6.07
CA ASP B 354 31.24 -23.90 -4.75
C ASP B 354 32.32 -22.84 -4.71
N LYS B 355 33.43 -23.07 -5.42
CA LYS B 355 34.47 -22.04 -5.50
C LYS B 355 33.99 -20.85 -6.32
N LEU B 356 33.30 -21.09 -7.44
CA LEU B 356 32.77 -19.99 -8.23
C LEU B 356 31.63 -19.28 -7.48
N TYR B 357 30.80 -20.05 -6.77
CA TYR B 357 29.71 -19.45 -6.02
C TYR B 357 30.25 -18.59 -4.89
N LYS B 358 31.24 -19.10 -4.16
CA LYS B 358 31.77 -18.34 -3.03
C LYS B 358 32.52 -17.10 -3.51
N MET B 359 33.05 -17.13 -4.72
CA MET B 359 33.79 -15.98 -5.26
C MET B 359 32.88 -14.79 -5.46
N LEU B 360 31.71 -15.01 -6.06
CA LEU B 360 30.82 -13.91 -6.40
C LEU B 360 30.02 -13.40 -5.21
N THR B 361 29.97 -14.16 -4.11
CA THR B 361 29.15 -13.82 -2.96
C THR B 361 29.93 -13.41 -1.73
N GLU B 362 31.03 -14.10 -1.40
CA GLU B 362 31.80 -13.77 -0.21
C GLU B 362 33.13 -13.09 -0.49
N ILE B 363 33.61 -13.12 -1.73
CA ILE B 363 34.89 -12.49 -2.08
C ILE B 363 34.68 -11.12 -2.71
N TYR B 364 33.72 -11.01 -3.63
CA TYR B 364 33.40 -9.74 -4.26
C TYR B 364 32.43 -8.99 -3.36
N THR B 365 32.97 -8.21 -2.42
CA THR B 365 32.16 -7.45 -1.49
C THR B 365 32.71 -6.03 -1.35
N GLU B 366 31.81 -5.11 -1.04
CA GLU B 366 32.23 -3.74 -0.74
C GLU B 366 33.32 -3.72 0.32
N ASP B 367 33.20 -4.58 1.33
CA ASP B 367 34.16 -4.59 2.43
C ASP B 367 35.55 -5.02 1.94
N ASN B 368 35.65 -6.17 1.27
CA ASN B 368 36.94 -6.60 0.75
C ASN B 368 37.53 -5.58 -0.21
N PHE B 369 36.68 -4.86 -0.95
CA PHE B 369 37.19 -3.83 -1.86
C PHE B 369 37.78 -2.67 -1.08
N VAL B 370 37.18 -2.33 0.07
CA VAL B 370 37.72 -1.24 0.88
C VAL B 370 39.07 -1.63 1.46
N LYS B 371 39.25 -2.89 1.86
CA LYS B 371 40.52 -3.32 2.41
C LYS B 371 41.66 -3.14 1.41
N PHE B 372 41.41 -3.46 0.14
CA PHE B 372 42.47 -3.35 -0.86
C PHE B 372 42.63 -1.92 -1.39
N PHE B 373 41.54 -1.15 -1.44
CA PHE B 373 41.66 0.26 -1.82
C PHE B 373 42.37 1.06 -0.73
N LYS B 374 42.30 0.61 0.53
CA LYS B 374 42.91 1.33 1.65
C LYS B 374 42.26 2.70 1.81
N VAL B 375 40.93 2.72 1.78
CA VAL B 375 40.15 3.94 1.94
C VAL B 375 39.31 3.83 3.20
N LEU B 376 38.86 4.99 3.69
CA LEU B 376 37.86 5.02 4.74
C LEU B 376 36.48 4.91 4.11
N ASN B 377 35.61 4.15 4.76
CA ASN B 377 34.32 3.82 4.16
C ASN B 377 33.34 3.50 5.27
N ARG B 378 32.06 3.43 4.90
CA ARG B 378 31.06 2.93 5.83
C ARG B 378 31.47 1.53 6.27
N LYS B 379 31.36 1.27 7.57
CA LYS B 379 31.72 -0.03 8.12
C LYS B 379 30.53 -0.96 8.26
N THR B 380 29.36 -0.54 7.79
CA THR B 380 28.17 -1.39 7.79
C THR B 380 27.20 -0.82 6.77
N TYR B 381 26.28 -1.68 6.31
CA TYR B 381 25.22 -1.21 5.42
C TYR B 381 24.06 -0.60 6.17
N LEU B 382 23.92 -0.89 7.45
CA LEU B 382 22.79 -0.39 8.24
C LEU B 382 23.21 0.91 8.92
N ASN B 383 23.37 1.95 8.10
CA ASN B 383 23.74 3.27 8.60
C ASN B 383 22.85 4.33 7.98
N PHE B 384 23.18 5.61 8.19
CA PHE B 384 22.38 6.72 7.69
C PHE B 384 23.29 7.71 6.98
N ASP B 385 22.95 8.02 5.72
CA ASP B 385 23.76 8.93 4.94
C ASP B 385 23.62 10.36 5.47
N LYS B 386 24.75 11.05 5.57
CA LYS B 386 24.81 12.35 6.24
C LYS B 386 24.71 13.53 5.29
N ALA B 387 25.19 13.39 4.06
CA ALA B 387 25.18 14.50 3.10
C ALA B 387 25.59 13.95 1.74
N VAL B 388 25.44 14.80 0.72
CA VAL B 388 25.81 14.48 -0.65
C VAL B 388 26.72 15.60 -1.14
N PHE B 389 27.84 15.22 -1.74
CA PHE B 389 28.84 16.18 -2.18
C PHE B 389 28.99 16.13 -3.70
N LYS B 390 29.43 17.25 -4.27
CA LYS B 390 29.71 17.38 -5.69
C LYS B 390 31.22 17.33 -5.88
N ILE B 391 31.69 16.36 -6.68
CA ILE B 391 33.11 16.12 -6.83
C ILE B 391 33.50 16.13 -8.29
N ASN B 392 34.77 16.42 -8.54
CA ASN B 392 35.36 16.27 -9.87
C ASN B 392 36.63 15.42 -9.74
N ILE B 393 36.56 14.15 -10.15
CA ILE B 393 37.69 13.27 -9.95
C ILE B 393 38.60 13.17 -11.17
N VAL B 394 38.35 13.95 -12.22
CA VAL B 394 39.10 13.81 -13.47
C VAL B 394 40.50 14.42 -13.32
N PRO B 395 40.64 15.62 -12.76
CA PRO B 395 41.99 16.18 -12.59
C PRO B 395 42.85 15.27 -11.73
N LYS B 396 44.09 15.07 -12.17
CA LYS B 396 45.02 14.23 -11.42
C LYS B 396 45.45 14.88 -10.11
N VAL B 397 45.23 16.19 -9.94
CA VAL B 397 45.45 16.83 -8.65
C VAL B 397 44.26 16.71 -7.72
N ASN B 398 43.15 16.15 -8.20
CA ASN B 398 41.99 15.86 -7.36
C ASN B 398 41.94 14.40 -6.94
N TYR B 399 42.16 13.48 -7.89
CA TYR B 399 41.83 12.08 -7.70
C TYR B 399 42.66 11.26 -8.68
N THR B 400 43.37 10.25 -8.16
CA THR B 400 44.27 9.44 -8.97
C THR B 400 43.85 7.97 -8.95
N ILE B 401 44.17 7.28 -10.03
CA ILE B 401 43.84 5.86 -10.16
C ILE B 401 44.32 5.09 -8.94
N TYR B 402 45.57 5.31 -8.55
CA TYR B 402 46.21 4.46 -7.56
C TYR B 402 45.94 4.89 -6.12
N ASP B 403 45.59 6.16 -5.89
CA ASP B 403 45.38 6.66 -4.54
C ASP B 403 44.01 7.30 -4.31
N GLY B 404 43.21 7.50 -5.36
CA GLY B 404 41.94 8.16 -5.17
C GLY B 404 42.15 9.57 -4.64
N PHE B 405 41.50 9.89 -3.53
CA PHE B 405 41.63 11.22 -2.96
C PHE B 405 42.89 11.37 -2.10
N ASN B 406 43.36 10.27 -1.50
CA ASN B 406 44.47 10.33 -0.56
C ASN B 406 45.80 10.21 -1.30
N LEU B 407 46.13 11.31 -2.00
CA LEU B 407 47.29 11.31 -2.87
C LEU B 407 48.58 11.06 -2.07
N ARG B 408 49.52 10.37 -2.71
CA ARG B 408 50.77 10.02 -2.08
C ARG B 408 51.69 11.23 -1.98
N ASN B 409 52.50 11.24 -0.91
CA ASN B 409 53.56 12.22 -0.72
C ASN B 409 53.03 13.59 -0.34
N THR B 410 51.71 13.78 -0.42
CA THR B 410 51.08 15.04 -0.04
C THR B 410 50.59 14.93 1.41
N ASN B 411 49.98 16.01 1.88
CA ASN B 411 49.38 16.03 3.21
C ASN B 411 48.06 15.26 3.28
N LEU B 412 47.55 14.77 2.15
CA LEU B 412 46.26 14.11 2.08
C LEU B 412 46.34 12.60 2.27
N ALA B 413 47.54 12.03 2.44
CA ALA B 413 47.67 10.59 2.53
C ALA B 413 47.37 10.07 3.93
N ALA B 414 47.88 10.73 4.95
CA ALA B 414 47.74 10.22 6.31
C ALA B 414 46.33 10.45 6.84
N ASN B 415 45.83 9.46 7.58
CA ASN B 415 44.54 9.57 8.26
C ASN B 415 43.39 9.73 7.28
N PHE B 416 43.55 9.19 6.06
CA PHE B 416 42.52 9.31 5.03
C PHE B 416 42.10 10.76 4.82
N ASN B 417 43.05 11.68 4.99
CA ASN B 417 42.72 13.10 4.94
C ASN B 417 42.09 13.50 3.61
N GLY B 418 42.48 12.83 2.52
CA GLY B 418 41.88 13.15 1.24
C GLY B 418 40.38 12.93 1.20
N GLN B 419 39.89 12.01 2.02
CA GLN B 419 38.46 11.75 2.11
C GLN B 419 37.77 12.62 3.14
N ASN B 420 38.50 13.46 3.85
CA ASN B 420 37.92 14.37 4.83
C ASN B 420 37.47 15.63 4.11
N THR B 421 36.16 15.86 4.06
CA THR B 421 35.59 16.96 3.29
C THR B 421 35.89 18.33 3.89
N GLU B 422 36.57 18.38 5.03
CA GLU B 422 37.01 19.64 5.64
C GLU B 422 38.51 19.87 5.48
N ILE B 423 39.31 18.81 5.56
CA ILE B 423 40.74 18.93 5.29
C ILE B 423 41.01 19.08 3.81
N ASN B 424 40.23 18.41 2.96
CA ASN B 424 40.33 18.54 1.51
C ASN B 424 39.10 19.31 1.04
N ASN B 425 38.81 20.43 1.70
CA ASN B 425 37.53 21.10 1.54
C ASN B 425 37.27 21.58 0.11
N MET B 426 38.28 21.62 -0.75
CA MET B 426 38.10 22.15 -2.10
C MET B 426 37.68 21.10 -3.12
N ASN B 427 37.79 19.82 -2.80
CA ASN B 427 37.35 18.76 -3.69
C ASN B 427 35.95 18.22 -3.35
N PHE B 428 35.31 18.78 -2.32
CA PHE B 428 34.00 18.32 -1.88
C PHE B 428 33.10 19.52 -1.64
N THR B 429 32.05 19.64 -2.43
CA THR B 429 31.09 20.74 -2.36
C THR B 429 29.76 20.22 -1.83
N LYS B 430 29.36 20.70 -0.66
CA LYS B 430 28.12 20.24 -0.05
C LYS B 430 26.94 20.78 -0.86
N LEU B 431 25.99 19.90 -1.15
CA LEU B 431 24.76 20.24 -1.87
C LEU B 431 23.52 20.15 -1.01
N LYS B 432 23.41 19.11 -0.19
CA LYS B 432 22.21 18.88 0.61
C LYS B 432 22.58 18.14 1.87
N ASN B 433 21.91 18.47 2.97
CA ASN B 433 22.12 17.82 4.26
C ASN B 433 20.96 16.88 4.52
N PHE B 434 21.25 15.59 4.57
CA PHE B 434 20.22 14.61 4.88
C PHE B 434 19.84 14.66 6.35
N THR B 435 20.83 14.76 7.23
CA THR B 435 20.59 14.83 8.67
C THR B 435 19.45 15.77 9.00
N HIS C 7 22.58 0.98 -2.71
CA HIS C 7 23.59 1.74 -1.99
C HIS C 7 23.14 2.07 -0.57
N HIS C 8 21.88 2.44 -0.41
CA HIS C 8 21.33 2.73 0.92
C HIS C 8 19.83 2.51 0.89
N HIS C 9 19.42 1.39 0.31
CA HIS C 9 18.00 1.09 0.13
C HIS C 9 17.43 0.44 1.38
N HIS C 10 16.47 1.11 2.01
CA HIS C 10 15.72 0.54 3.11
C HIS C 10 14.30 0.28 2.65
N HIS C 11 13.66 -0.71 3.24
CA HIS C 11 12.27 -1.05 2.93
C HIS C 11 11.40 -0.78 4.16
N HIS C 12 10.27 -0.12 3.94
CA HIS C 12 9.38 0.25 5.04
C HIS C 12 8.48 -0.92 5.36
N GLY C 13 8.75 -1.59 6.49
CA GLY C 13 7.93 -2.72 6.89
C GLY C 13 6.55 -2.33 7.36
N SER C 14 6.41 -1.14 7.94
CA SER C 14 5.14 -0.65 8.45
C SER C 14 4.87 0.75 7.89
N ASP C 15 3.60 1.13 7.88
CA ASP C 15 3.21 2.45 7.39
C ASP C 15 3.74 3.51 8.35
N LEU C 16 4.52 4.45 7.81
CA LEU C 16 5.17 5.47 8.64
C LEU C 16 4.21 6.56 9.07
N GLY C 17 3.13 6.78 8.31
CA GLY C 17 2.16 7.78 8.72
C GLY C 17 1.59 7.51 10.10
N LYS C 18 1.12 6.27 10.32
CA LYS C 18 0.51 5.93 11.59
C LYS C 18 1.51 6.03 12.73
N LYS C 19 2.77 5.66 12.48
CA LYS C 19 3.78 5.78 13.52
C LYS C 19 4.14 7.24 13.79
N LEU C 20 4.07 8.09 12.75
CA LEU C 20 4.31 9.52 12.96
C LEU C 20 3.16 10.15 13.74
N LEU C 21 1.93 9.71 13.47
CA LEU C 21 0.76 10.24 14.17
C LEU C 21 0.71 9.75 15.61
N GLU C 22 1.05 8.48 15.83
CA GLU C 22 1.14 7.97 17.19
C GLU C 22 2.27 8.65 17.96
N ALA C 23 3.41 8.88 17.31
CA ALA C 23 4.53 9.51 17.98
C ALA C 23 4.22 10.96 18.33
N ALA C 24 3.48 11.65 17.46
CA ALA C 24 3.11 13.04 17.74
C ALA C 24 2.03 13.12 18.82
N ARG C 25 1.22 12.07 18.96
CA ARG C 25 0.16 12.08 19.95
C ARG C 25 0.73 11.93 21.36
N ALA C 26 1.78 11.11 21.52
CA ALA C 26 2.36 10.84 22.82
C ALA C 26 3.60 11.69 23.13
N GLY C 27 3.87 12.70 22.32
CA GLY C 27 4.96 13.62 22.60
C GLY C 27 6.35 13.02 22.63
N GLN C 28 6.62 12.05 21.76
CA GLN C 28 7.96 11.47 21.64
C GLN C 28 8.72 12.24 20.57
N ASP C 29 9.36 13.34 21.00
CA ASP C 29 9.99 14.25 20.04
C ASP C 29 11.07 13.53 19.24
N ASP C 30 11.92 12.75 19.91
CA ASP C 30 12.95 12.01 19.18
C ASP C 30 12.32 11.04 18.19
N GLU C 31 11.24 10.37 18.58
CA GLU C 31 10.60 9.43 17.66
C GLU C 31 10.04 10.14 16.44
N VAL C 32 9.45 11.32 16.64
CA VAL C 32 9.01 12.12 15.50
C VAL C 32 10.20 12.50 14.64
N ARG C 33 11.26 13.02 15.28
CA ARG C 33 12.44 13.46 14.55
C ARG C 33 13.11 12.31 13.81
N ILE C 34 13.08 11.11 14.40
CA ILE C 34 13.70 9.96 13.74
C ILE C 34 12.84 9.49 12.58
N LEU C 35 11.51 9.40 12.79
CA LEU C 35 10.62 8.98 11.71
C LEU C 35 10.65 9.97 10.56
N MET C 36 10.71 11.27 10.88
CA MET C 36 10.84 12.27 9.83
C MET C 36 12.11 12.08 9.02
N ALA C 37 13.19 11.62 9.67
CA ALA C 37 14.44 11.41 8.95
C ALA C 37 14.35 10.25 7.98
N ASN C 38 13.56 9.23 8.30
CA ASN C 38 13.42 8.06 7.44
C ASN C 38 12.27 8.18 6.44
N GLY C 39 11.64 9.34 6.35
CA GLY C 39 10.71 9.61 5.28
C GLY C 39 9.24 9.58 5.60
N ALA C 40 8.85 9.67 6.87
CA ALA C 40 7.44 9.71 7.20
C ALA C 40 6.81 10.99 6.65
N ASP C 41 5.55 10.89 6.23
CA ASP C 41 4.85 12.02 5.65
C ASP C 41 4.24 12.89 6.76
N VAL C 42 4.70 14.14 6.86
CA VAL C 42 4.23 15.04 7.90
C VAL C 42 2.78 15.47 7.70
N ASN C 43 2.18 15.16 6.56
CA ASN C 43 0.79 15.52 6.28
C ASN C 43 -0.09 14.28 6.12
N ALA C 44 0.36 13.14 6.63
CA ALA C 44 -0.46 11.94 6.64
C ALA C 44 -1.71 12.17 7.50
N VAL C 45 -2.68 11.26 7.36
CA VAL C 45 -3.96 11.40 8.03
C VAL C 45 -4.31 10.09 8.72
N ASP C 46 -4.96 10.21 9.87
CA ASP C 46 -5.56 9.05 10.54
C ASP C 46 -6.98 8.89 10.01
N MET C 47 -7.69 7.87 10.50
CA MET C 47 -9.02 7.59 9.98
C MET C 47 -10.02 8.70 10.31
N HIS C 48 -9.62 9.71 11.08
CA HIS C 48 -10.52 10.78 11.49
C HIS C 48 -10.12 12.14 10.94
N GLY C 49 -9.16 12.19 10.03
CA GLY C 49 -8.72 13.45 9.46
C GLY C 49 -7.67 14.19 10.24
N TYR C 50 -7.09 13.59 11.28
CA TYR C 50 -6.10 14.26 12.11
C TYR C 50 -4.71 14.16 11.48
N THR C 51 -4.01 15.28 11.45
CA THR C 51 -2.63 15.35 11.01
C THR C 51 -1.70 15.34 12.20
N PRO C 52 -0.41 15.03 11.98
CA PRO C 52 0.56 15.14 13.07
C PRO C 52 0.54 16.49 13.75
N LEU C 53 0.21 17.56 13.03
CA LEU C 53 0.16 18.88 13.66
C LEU C 53 -1.09 19.03 14.53
N HIS C 54 -2.22 18.47 14.07
CA HIS C 54 -3.42 18.44 14.90
C HIS C 54 -3.12 17.84 16.27
N LEU C 55 -2.47 16.68 16.28
CA LEU C 55 -2.23 15.97 17.54
C LEU C 55 -1.15 16.68 18.36
N ALA C 56 -0.03 17.02 17.72
CA ALA C 56 1.03 17.70 18.46
C ALA C 56 0.54 19.01 19.06
N ALA C 57 -0.46 19.63 18.43
CA ALA C 57 -0.99 20.89 18.93
C ALA C 57 -2.00 20.66 20.04
N ALA C 58 -2.79 19.60 19.95
CA ALA C 58 -3.81 19.35 20.97
C ALA C 58 -3.19 18.82 22.26
N VAL C 59 -2.06 18.13 22.17
CA VAL C 59 -1.42 17.59 23.36
C VAL C 59 -0.44 18.56 24.00
N GLY C 60 -0.04 19.62 23.30
CA GLY C 60 0.72 20.70 23.89
C GLY C 60 2.22 20.69 23.69
N HIS C 61 2.73 19.99 22.68
CA HIS C 61 4.18 19.85 22.49
C HIS C 61 4.66 20.96 21.57
N LEU C 62 5.38 21.94 22.14
CA LEU C 62 5.82 23.07 21.35
C LEU C 62 6.89 22.65 20.34
N GLU C 63 7.87 21.86 20.79
CA GLU C 63 8.99 21.52 19.90
C GLU C 63 8.54 20.58 18.80
N ILE C 64 7.52 19.74 19.06
CA ILE C 64 7.03 18.86 18.01
C ILE C 64 6.27 19.68 16.97
N VAL C 65 5.48 20.64 17.43
CA VAL C 65 4.76 21.51 16.50
C VAL C 65 5.73 22.24 15.58
N GLU C 66 6.84 22.71 16.13
CA GLU C 66 7.78 23.50 15.33
C GLU C 66 8.54 22.63 14.33
N VAL C 67 9.00 21.45 14.75
CA VAL C 67 9.77 20.60 13.86
C VAL C 67 8.93 20.17 12.67
N LEU C 68 7.64 19.92 12.90
CA LEU C 68 6.74 19.56 11.81
C LEU C 68 6.51 20.74 10.88
N LEU C 69 6.16 21.91 11.44
CA LEU C 69 5.93 23.09 10.62
C LEU C 69 7.15 23.39 9.76
N LYS C 70 8.34 23.11 10.27
CA LYS C 70 9.55 23.27 9.47
C LYS C 70 9.58 22.30 8.31
N ALA C 71 8.99 21.12 8.47
CA ALA C 71 8.97 20.10 7.43
C ALA C 71 7.80 20.23 6.48
N GLY C 72 7.06 21.34 6.54
CA GLY C 72 5.99 21.59 5.58
C GLY C 72 4.65 21.00 5.95
N ALA C 73 4.27 21.10 7.22
CA ALA C 73 2.95 20.64 7.64
C ALA C 73 1.92 21.74 7.40
N ASP C 74 0.73 21.35 6.94
CA ASP C 74 -0.31 22.32 6.60
C ASP C 74 -0.93 22.88 7.88
N VAL C 75 -0.62 24.15 8.17
CA VAL C 75 -1.10 24.77 9.40
C VAL C 75 -2.60 24.98 9.39
N ASN C 76 -3.26 24.78 8.24
CA ASN C 76 -4.69 25.01 8.11
C ASN C 76 -5.45 23.77 7.66
N ALA C 77 -4.82 22.59 7.73
CA ALA C 77 -5.54 21.37 7.42
C ALA C 77 -6.64 21.15 8.45
N TRP C 78 -7.74 20.55 8.01
CA TRP C 78 -8.90 20.36 8.87
C TRP C 78 -9.26 18.87 8.92
N ASP C 79 -9.90 18.48 10.02
CA ASP C 79 -10.31 17.10 10.21
C ASP C 79 -11.72 16.89 9.62
N GLN C 80 -12.33 15.74 9.92
CA GLN C 80 -13.63 15.42 9.34
C GLN C 80 -14.77 16.21 9.95
N VAL C 81 -14.53 16.97 11.01
CA VAL C 81 -15.54 17.87 11.57
C VAL C 81 -15.13 19.33 11.45
N GLY C 82 -14.12 19.62 10.63
CA GLY C 82 -13.80 20.99 10.25
C GLY C 82 -12.83 21.72 11.14
N LYS C 83 -12.24 21.07 12.13
CA LYS C 83 -11.32 21.73 13.05
C LYS C 83 -9.91 21.72 12.48
N THR C 84 -9.17 22.80 12.72
CA THR C 84 -7.79 22.97 12.34
C THR C 84 -6.87 22.85 13.55
N PRO C 85 -5.55 22.74 13.33
CA PRO C 85 -4.63 22.73 14.48
C PRO C 85 -4.81 23.93 15.38
N LEU C 86 -5.25 25.07 14.85
CA LEU C 86 -5.50 26.22 15.70
C LEU C 86 -6.73 26.00 16.58
N HIS C 87 -7.76 25.33 16.05
CA HIS C 87 -8.93 25.02 16.85
C HIS C 87 -8.56 24.19 18.07
N LEU C 88 -7.75 23.15 17.86
CA LEU C 88 -7.41 22.26 18.97
C LEU C 88 -6.53 22.95 19.99
N ALA C 89 -5.51 23.68 19.54
CA ALA C 89 -4.56 24.27 20.47
C ALA C 89 -5.24 25.30 21.38
N ALA C 90 -6.20 26.06 20.84
CA ALA C 90 -6.94 27.00 21.67
C ALA C 90 -7.85 26.28 22.65
N LYS C 91 -8.37 25.11 22.27
CA LYS C 91 -9.28 24.37 23.14
C LYS C 91 -8.56 23.90 24.40
N TRP C 92 -7.34 23.36 24.24
CA TRP C 92 -6.61 22.76 25.34
C TRP C 92 -5.66 23.74 26.03
N GLY C 93 -5.88 25.04 25.84
CA GLY C 93 -5.17 26.06 26.61
C GLY C 93 -3.67 26.14 26.38
N HIS C 94 -3.24 26.05 25.12
CA HIS C 94 -1.83 26.11 24.77
C HIS C 94 -1.54 27.46 24.12
N LEU C 95 -1.03 28.40 24.90
CA LEU C 95 -0.75 29.74 24.38
C LEU C 95 0.43 29.72 23.41
N GLU C 96 1.50 29.01 23.76
CA GLU C 96 2.69 29.01 22.92
C GLU C 96 2.42 28.30 21.59
N ILE C 97 1.60 27.24 21.62
CA ILE C 97 1.25 26.56 20.38
C ILE C 97 0.36 27.44 19.52
N VAL C 98 -0.58 28.15 20.16
CA VAL C 98 -1.46 29.04 19.41
C VAL C 98 -0.67 30.17 18.78
N GLU C 99 0.33 30.69 19.51
CA GLU C 99 1.16 31.75 18.96
C GLU C 99 1.97 31.28 17.76
N VAL C 100 2.52 30.07 17.83
CA VAL C 100 3.33 29.56 16.73
C VAL C 100 2.48 29.37 15.50
N LEU C 101 1.27 28.80 15.67
CA LEU C 101 0.40 28.55 14.53
C LEU C 101 0.00 29.85 13.86
N LEU C 102 -0.43 30.84 14.67
CA LEU C 102 -0.71 32.17 14.13
C LEU C 102 0.51 32.75 13.44
N LYS C 103 1.69 32.60 14.06
CA LYS C 103 2.91 33.15 13.48
C LYS C 103 3.14 32.62 12.07
N HIS C 104 2.63 31.43 11.75
CA HIS C 104 2.76 30.83 10.44
C HIS C 104 1.54 31.03 9.56
N GLY C 105 0.63 31.94 9.95
CA GLY C 105 -0.49 32.26 9.10
C GLY C 105 -1.66 31.29 9.15
N ALA C 106 -1.92 30.71 10.31
CA ALA C 106 -3.13 29.89 10.46
C ALA C 106 -4.36 30.78 10.38
N ASP C 107 -5.42 30.25 9.77
CA ASP C 107 -6.65 31.02 9.60
C ASP C 107 -7.36 31.16 10.94
N VAL C 108 -7.30 32.36 11.52
CA VAL C 108 -7.96 32.61 12.80
C VAL C 108 -9.48 32.51 12.69
N ASN C 109 -10.02 32.51 11.48
CA ASN C 109 -11.46 32.51 11.26
C ASN C 109 -11.99 31.17 10.76
N ALA C 110 -11.18 30.11 10.83
CA ALA C 110 -11.65 28.79 10.45
C ALA C 110 -12.87 28.41 11.29
N GLN C 111 -13.87 27.83 10.64
CA GLN C 111 -15.10 27.42 11.31
C GLN C 111 -15.28 25.91 11.19
N ASP C 112 -15.69 25.29 12.29
CA ASP C 112 -15.94 23.85 12.31
C ASP C 112 -17.38 23.62 11.84
N TRP C 113 -17.88 22.39 12.01
CA TRP C 113 -19.21 22.05 11.53
C TRP C 113 -20.28 22.90 12.21
N MET C 114 -20.06 23.29 13.46
CA MET C 114 -21.05 24.04 14.24
C MET C 114 -20.95 25.55 14.05
N GLY C 115 -19.97 26.04 13.28
CA GLY C 115 -19.80 27.47 13.09
C GLY C 115 -18.79 28.11 14.02
N ARG C 116 -18.18 27.31 14.90
CA ARG C 116 -17.30 27.83 15.93
C ARG C 116 -15.91 28.09 15.36
N THR C 117 -15.34 29.22 15.73
CA THR C 117 -13.96 29.55 15.42
C THR C 117 -13.07 29.16 16.58
N PRO C 118 -11.75 29.23 16.42
CA PRO C 118 -10.86 28.97 17.55
C PRO C 118 -11.04 29.95 18.69
N PHE C 119 -11.65 31.12 18.43
CA PHE C 119 -11.97 32.02 19.52
C PHE C 119 -13.12 31.49 20.35
N ASP C 120 -14.14 30.92 19.69
CA ASP C 120 -15.28 30.37 20.41
C ASP C 120 -14.85 29.18 21.28
N LEU C 121 -14.05 28.27 20.71
CA LEU C 121 -13.57 27.13 21.50
C LEU C 121 -12.75 27.58 22.69
N ALA C 122 -12.02 28.69 22.56
CA ALA C 122 -11.17 29.16 23.65
C ALA C 122 -12.02 29.66 24.81
N ILE C 123 -13.04 30.47 24.52
CA ILE C 123 -13.90 30.99 25.59
C ILE C 123 -14.85 29.94 26.11
N ASP C 124 -15.13 28.90 25.32
CA ASP C 124 -16.00 27.82 25.78
C ASP C 124 -15.26 26.78 26.61
N ASN C 125 -13.95 26.97 26.83
CA ASN C 125 -13.18 26.07 27.69
C ASN C 125 -12.37 26.84 28.73
N GLY C 126 -12.75 28.08 29.01
CA GLY C 126 -12.10 28.82 30.08
C GLY C 126 -10.67 29.26 29.80
N ASN C 127 -10.38 29.64 28.56
CA ASN C 127 -9.04 30.04 28.15
C ASN C 127 -9.11 31.51 27.75
N GLU C 128 -9.11 32.37 28.79
CA GLU C 128 -9.27 33.81 28.56
C GLU C 128 -8.07 34.40 27.83
N ASP C 129 -6.86 34.20 28.36
CA ASP C 129 -5.67 34.81 27.77
C ASP C 129 -5.44 34.32 26.34
N ILE C 130 -5.91 33.11 26.02
CA ILE C 130 -5.78 32.63 24.65
C ILE C 130 -6.93 33.12 23.78
N ALA C 131 -8.00 33.64 24.38
CA ALA C 131 -9.09 34.20 23.59
C ALA C 131 -8.81 35.66 23.23
N GLU C 132 -8.17 36.41 24.13
CA GLU C 132 -7.82 37.79 23.83
C GLU C 132 -6.80 37.88 22.71
N VAL C 133 -5.93 36.87 22.58
CA VAL C 133 -4.97 36.86 21.49
C VAL C 133 -5.66 36.61 20.16
N LEU C 134 -6.52 35.59 20.11
CA LEU C 134 -7.28 35.33 18.89
C LEU C 134 -8.22 36.47 18.57
N GLN C 135 -8.83 37.07 19.59
CA GLN C 135 -9.69 38.23 19.36
C GLN C 135 -8.92 39.35 18.68
N LYS C 136 -7.75 39.71 19.24
CA LYS C 136 -6.94 40.77 18.68
C LYS C 136 -6.48 40.43 17.26
N ALA C 137 -5.97 39.21 17.07
CA ALA C 137 -5.46 38.82 15.76
C ALA C 137 -6.55 38.93 14.69
N ALA C 138 -7.81 38.79 15.07
CA ALA C 138 -8.92 38.90 14.12
C ALA C 138 -9.24 40.35 13.80
N LYS C 139 -9.13 41.23 14.80
CA LYS C 139 -9.43 42.64 14.62
C LYS C 139 -8.24 43.44 14.09
N LEU C 140 -7.10 42.79 13.86
CA LEU C 140 -5.88 43.47 13.46
C LEU C 140 -6.11 44.49 12.35
N HIS D 7 -20.98 -6.20 7.04
CA HIS D 7 -21.72 -7.31 6.44
C HIS D 7 -20.84 -8.31 5.69
N HIS D 8 -19.84 -7.80 4.96
CA HIS D 8 -18.96 -8.68 4.22
C HIS D 8 -17.60 -8.02 3.99
N HIS D 9 -17.07 -7.34 5.01
CA HIS D 9 -15.83 -6.61 4.83
C HIS D 9 -14.65 -7.56 5.12
N HIS D 10 -13.83 -7.78 4.11
CA HIS D 10 -12.63 -8.60 4.21
C HIS D 10 -11.39 -7.72 4.14
N HIS D 11 -10.29 -8.23 4.71
CA HIS D 11 -9.00 -7.55 4.68
C HIS D 11 -8.04 -8.35 3.81
N HIS D 12 -7.38 -7.66 2.88
CA HIS D 12 -6.41 -8.29 1.99
C HIS D 12 -5.05 -8.24 2.66
N GLY D 13 -4.58 -9.39 3.14
CA GLY D 13 -3.29 -9.43 3.81
C GLY D 13 -2.13 -9.22 2.85
N SER D 14 -2.31 -9.62 1.59
CA SER D 14 -1.29 -9.47 0.56
C SER D 14 -1.93 -8.83 -0.67
N ASP D 15 -1.09 -8.20 -1.49
CA ASP D 15 -1.58 -7.59 -2.72
C ASP D 15 -2.00 -8.68 -3.70
N LEU D 16 -3.25 -8.59 -4.17
CA LEU D 16 -3.80 -9.63 -5.02
C LEU D 16 -3.28 -9.58 -6.45
N GLY D 17 -2.79 -8.43 -6.90
CA GLY D 17 -2.26 -8.35 -8.25
C GLY D 17 -1.16 -9.36 -8.50
N LYS D 18 -0.13 -9.37 -7.63
CA LYS D 18 0.99 -10.28 -7.84
C LYS D 18 0.56 -11.74 -7.71
N LYS D 19 -0.41 -12.03 -6.85
CA LYS D 19 -0.91 -13.41 -6.76
C LYS D 19 -1.70 -13.79 -8.01
N LEU D 20 -2.37 -12.82 -8.64
CA LEU D 20 -3.04 -13.09 -9.90
C LEU D 20 -2.05 -13.29 -11.03
N LEU D 21 -0.95 -12.52 -11.01
CA LEU D 21 0.05 -12.63 -12.07
C LEU D 21 0.80 -13.95 -12.00
N GLU D 22 1.10 -14.42 -10.80
CA GLU D 22 1.70 -15.74 -10.67
C GLU D 22 0.73 -16.83 -11.12
N ALA D 23 -0.56 -16.67 -10.80
CA ALA D 23 -1.55 -17.67 -11.19
C ALA D 23 -1.70 -17.72 -12.71
N ALA D 24 -1.64 -16.57 -13.38
CA ALA D 24 -1.72 -16.58 -14.82
C ALA D 24 -0.41 -17.09 -15.44
N ARG D 25 0.70 -16.95 -14.73
CA ARG D 25 1.98 -17.40 -15.25
C ARG D 25 2.07 -18.91 -15.25
N ALA D 26 1.50 -19.55 -14.23
CA ALA D 26 1.54 -21.00 -14.09
C ALA D 26 0.25 -21.66 -14.59
N GLY D 27 -0.59 -20.93 -15.29
CA GLY D 27 -1.80 -21.51 -15.84
C GLY D 27 -2.71 -22.05 -14.77
N GLN D 28 -2.80 -21.37 -13.64
CA GLN D 28 -3.68 -21.78 -12.54
C GLN D 28 -5.04 -21.16 -12.78
N ASP D 29 -5.81 -21.81 -13.66
CA ASP D 29 -7.11 -21.28 -14.05
C ASP D 29 -8.04 -21.18 -12.87
N ASP D 30 -8.04 -22.20 -12.01
CA ASP D 30 -8.87 -22.18 -10.82
C ASP D 30 -8.55 -20.98 -9.94
N GLU D 31 -7.25 -20.72 -9.75
CA GLU D 31 -6.81 -19.61 -8.90
C GLU D 31 -7.16 -18.26 -9.51
N VAL D 32 -7.03 -18.12 -10.83
CA VAL D 32 -7.35 -16.86 -11.48
C VAL D 32 -8.81 -16.48 -11.24
N ARG D 33 -9.71 -17.41 -11.53
CA ARG D 33 -11.14 -17.13 -11.42
C ARG D 33 -11.53 -16.79 -9.99
N ILE D 34 -10.86 -17.38 -9.00
CA ILE D 34 -11.18 -17.09 -7.61
C ILE D 34 -10.66 -15.72 -7.21
N LEU D 35 -9.41 -15.40 -7.58
CA LEU D 35 -8.84 -14.11 -7.22
C LEU D 35 -9.59 -12.96 -7.89
N MET D 36 -9.99 -13.15 -9.14
CA MET D 36 -10.81 -12.13 -9.80
C MET D 36 -12.12 -11.94 -9.06
N ALA D 37 -12.68 -13.02 -8.53
CA ALA D 37 -13.92 -12.91 -7.75
C ALA D 37 -13.68 -12.19 -6.43
N ASN D 38 -12.49 -12.34 -5.86
CA ASN D 38 -12.15 -11.76 -4.57
C ASN D 38 -11.53 -10.37 -4.69
N GLY D 39 -11.51 -9.80 -5.89
CA GLY D 39 -11.16 -8.41 -6.08
C GLY D 39 -9.79 -8.11 -6.69
N ALA D 40 -9.13 -9.09 -7.30
CA ALA D 40 -7.87 -8.82 -7.99
C ALA D 40 -8.11 -7.94 -9.22
N ASP D 41 -7.13 -7.09 -9.51
CA ASP D 41 -7.22 -6.18 -10.66
C ASP D 41 -6.70 -6.90 -11.90
N VAL D 42 -7.58 -7.06 -12.90
CA VAL D 42 -7.22 -7.76 -14.12
C VAL D 42 -6.19 -7.03 -14.95
N ASN D 43 -5.88 -5.77 -14.62
CA ASN D 43 -4.89 -4.98 -15.33
C ASN D 43 -3.67 -4.64 -14.48
N ALA D 44 -3.44 -5.40 -13.41
CA ALA D 44 -2.24 -5.20 -12.61
C ALA D 44 -1.00 -5.47 -13.47
N VAL D 45 0.14 -4.97 -12.99
CA VAL D 45 1.40 -5.08 -13.72
C VAL D 45 2.49 -5.52 -12.75
N ASP D 46 3.43 -6.31 -13.25
CA ASP D 46 4.62 -6.65 -12.48
C ASP D 46 5.73 -5.63 -12.77
N MET D 47 6.88 -5.82 -12.14
CA MET D 47 7.98 -4.86 -12.25
C MET D 47 8.60 -4.80 -13.64
N HIS D 48 8.13 -5.64 -14.58
CA HIS D 48 8.68 -5.64 -15.93
C HIS D 48 7.64 -5.23 -16.97
N GLY D 49 6.49 -4.72 -16.54
CA GLY D 49 5.45 -4.28 -17.44
C GLY D 49 4.49 -5.35 -17.91
N TYR D 50 4.56 -6.56 -17.35
CA TYR D 50 3.69 -7.64 -17.78
C TYR D 50 2.34 -7.55 -17.06
N THR D 51 1.27 -7.70 -17.82
CA THR D 51 -0.07 -7.81 -17.28
C THR D 51 -0.48 -9.28 -17.23
N PRO D 52 -1.51 -9.61 -16.45
CA PRO D 52 -2.01 -11.00 -16.48
C PRO D 52 -2.29 -11.52 -17.88
N LEU D 53 -2.64 -10.65 -18.82
CA LEU D 53 -2.90 -11.11 -20.18
C LEU D 53 -1.61 -11.41 -20.92
N HIS D 54 -0.56 -10.62 -20.68
CA HIS D 54 0.76 -10.93 -21.24
C HIS D 54 1.17 -12.36 -20.92
N LEU D 55 1.08 -12.74 -19.65
CA LEU D 55 1.54 -14.06 -19.23
C LEU D 55 0.59 -15.15 -19.70
N ALA D 56 -0.71 -14.96 -19.51
CA ALA D 56 -1.67 -15.96 -19.96
C ALA D 56 -1.55 -16.21 -21.45
N ALA D 57 -1.06 -15.21 -22.21
CA ALA D 57 -0.92 -15.38 -23.66
C ALA D 57 0.38 -16.08 -24.01
N ALA D 58 1.46 -15.81 -23.27
CA ALA D 58 2.75 -16.40 -23.59
C ALA D 58 2.84 -17.86 -23.16
N VAL D 59 2.11 -18.26 -22.12
CA VAL D 59 2.16 -19.63 -21.64
C VAL D 59 1.16 -20.52 -22.35
N GLY D 60 0.19 -19.93 -23.06
CA GLY D 60 -0.67 -20.69 -23.94
C GLY D 60 -2.04 -21.06 -23.41
N HIS D 61 -2.53 -20.38 -22.38
CA HIS D 61 -3.78 -20.75 -21.73
C HIS D 61 -4.93 -20.00 -22.39
N LEU D 62 -5.74 -20.73 -23.16
CA LEU D 62 -6.85 -20.10 -23.88
C LEU D 62 -7.90 -19.60 -22.91
N GLU D 63 -8.26 -20.41 -21.91
CA GLU D 63 -9.36 -20.04 -21.04
C GLU D 63 -9.01 -18.86 -20.14
N ILE D 64 -7.74 -18.70 -19.77
CA ILE D 64 -7.35 -17.54 -18.97
C ILE D 64 -7.39 -16.27 -19.82
N VAL D 65 -6.93 -16.35 -21.07
CA VAL D 65 -6.98 -15.19 -21.96
C VAL D 65 -8.42 -14.71 -22.08
N GLU D 66 -9.37 -15.64 -22.18
CA GLU D 66 -10.77 -15.26 -22.36
C GLU D 66 -11.37 -14.69 -21.08
N VAL D 67 -11.05 -15.30 -19.93
CA VAL D 67 -11.60 -14.84 -18.66
C VAL D 67 -11.15 -13.41 -18.36
N LEU D 68 -9.88 -13.10 -18.67
CA LEU D 68 -9.38 -11.76 -18.42
C LEU D 68 -10.00 -10.76 -19.39
N LEU D 69 -9.99 -11.07 -20.69
CA LEU D 69 -10.54 -10.15 -21.68
C LEU D 69 -11.99 -9.81 -21.37
N LYS D 70 -12.77 -10.77 -20.89
CA LYS D 70 -14.16 -10.49 -20.52
C LYS D 70 -14.24 -9.56 -19.31
N ALA D 71 -13.26 -9.61 -18.42
CA ALA D 71 -13.25 -8.76 -17.23
C ALA D 71 -12.59 -7.41 -17.48
N GLY D 72 -12.33 -7.06 -18.74
CA GLY D 72 -11.82 -5.75 -19.09
C GLY D 72 -10.32 -5.62 -19.06
N ALA D 73 -9.61 -6.62 -19.56
CA ALA D 73 -8.16 -6.55 -19.67
C ALA D 73 -7.77 -5.80 -20.95
N ASP D 74 -6.72 -4.98 -20.86
CA ASP D 74 -6.30 -4.16 -21.98
C ASP D 74 -5.59 -5.03 -23.02
N VAL D 75 -6.27 -5.27 -24.15
CA VAL D 75 -5.73 -6.17 -25.16
C VAL D 75 -4.49 -5.62 -25.85
N ASN D 76 -4.17 -4.34 -25.66
CA ASN D 76 -3.03 -3.71 -26.35
C ASN D 76 -2.02 -3.10 -25.39
N ALA D 77 -2.07 -3.48 -24.12
CA ALA D 77 -1.06 -3.01 -23.16
C ALA D 77 0.31 -3.53 -23.57
N TRP D 78 1.34 -2.75 -23.25
CA TRP D 78 2.72 -3.08 -23.62
C TRP D 78 3.59 -3.21 -22.39
N ASP D 79 4.64 -4.02 -22.51
CA ASP D 79 5.57 -4.29 -21.42
C ASP D 79 6.71 -3.28 -21.46
N GLN D 80 7.81 -3.57 -20.76
CA GLN D 80 8.90 -2.62 -20.62
C GLN D 80 9.69 -2.41 -21.90
N VAL D 81 9.53 -3.28 -22.90
CA VAL D 81 10.19 -3.09 -24.19
C VAL D 81 9.19 -2.95 -25.32
N GLY D 82 7.92 -2.72 -25.02
CA GLY D 82 6.95 -2.38 -26.02
C GLY D 82 6.18 -3.55 -26.62
N LYS D 83 6.34 -4.75 -26.10
CA LYS D 83 5.62 -5.90 -26.65
C LYS D 83 4.23 -5.96 -26.06
N THR D 84 3.27 -6.38 -26.87
CA THR D 84 1.88 -6.55 -26.48
C THR D 84 1.58 -8.02 -26.27
N PRO D 85 0.44 -8.34 -25.66
CA PRO D 85 0.05 -9.75 -25.56
C PRO D 85 0.04 -10.46 -26.89
N LEU D 86 -0.23 -9.73 -27.97
CA LEU D 86 -0.17 -10.32 -29.30
C LEU D 86 1.27 -10.63 -29.70
N HIS D 87 2.21 -9.76 -29.31
CA HIS D 87 3.62 -10.03 -29.58
C HIS D 87 4.04 -11.37 -28.99
N LEU D 88 3.65 -11.60 -27.73
CA LEU D 88 4.06 -12.84 -27.06
C LEU D 88 3.36 -14.06 -27.67
N ALA D 89 2.06 -13.96 -27.94
CA ALA D 89 1.33 -15.12 -28.42
C ALA D 89 1.84 -15.57 -29.78
N ALA D 90 2.20 -14.62 -30.64
CA ALA D 90 2.78 -14.98 -31.93
C ALA D 90 4.15 -15.60 -31.75
N LYS D 91 4.90 -15.15 -30.74
CA LYS D 91 6.26 -15.65 -30.52
C LYS D 91 6.23 -17.09 -30.08
N TRP D 92 5.32 -17.45 -29.18
CA TRP D 92 5.26 -18.77 -28.59
C TRP D 92 4.29 -19.71 -29.32
N GLY D 93 3.89 -19.37 -30.53
CA GLY D 93 3.16 -20.32 -31.36
C GLY D 93 1.80 -20.72 -30.84
N HIS D 94 1.02 -19.77 -30.33
CA HIS D 94 -0.32 -20.03 -29.80
C HIS D 94 -1.31 -19.49 -30.82
N LEU D 95 -1.81 -20.38 -31.68
CA LEU D 95 -2.69 -19.95 -32.77
C LEU D 95 -4.06 -19.54 -32.23
N GLU D 96 -4.63 -20.32 -31.30
CA GLU D 96 -5.93 -19.96 -30.75
C GLU D 96 -5.87 -18.66 -29.95
N ILE D 97 -4.76 -18.42 -29.24
CA ILE D 97 -4.63 -17.18 -28.47
C ILE D 97 -4.52 -15.99 -29.41
N VAL D 98 -3.76 -16.13 -30.49
CA VAL D 98 -3.65 -15.03 -31.47
C VAL D 98 -4.98 -14.78 -32.13
N GLU D 99 -5.75 -15.84 -32.40
CA GLU D 99 -7.08 -15.66 -33.00
C GLU D 99 -7.97 -14.84 -32.10
N VAL D 100 -7.93 -15.10 -30.78
CA VAL D 100 -8.76 -14.37 -29.84
C VAL D 100 -8.30 -12.92 -29.70
N LEU D 101 -6.99 -12.69 -29.62
CA LEU D 101 -6.49 -11.33 -29.46
C LEU D 101 -6.85 -10.46 -30.65
N LEU D 102 -6.66 -10.99 -31.86
CA LEU D 102 -7.14 -10.29 -33.04
C LEU D 102 -8.65 -10.05 -32.96
N LYS D 103 -9.40 -11.06 -32.50
CA LYS D 103 -10.85 -10.93 -32.40
C LYS D 103 -11.27 -9.73 -31.56
N HIS D 104 -10.45 -9.35 -30.57
CA HIS D 104 -10.79 -8.24 -29.67
C HIS D 104 -10.10 -6.94 -30.05
N GLY D 105 -9.54 -6.86 -31.25
CA GLY D 105 -8.94 -5.62 -31.70
C GLY D 105 -7.55 -5.36 -31.21
N ALA D 106 -6.73 -6.39 -31.05
CA ALA D 106 -5.33 -6.18 -30.73
C ALA D 106 -4.62 -5.52 -31.91
N ASP D 107 -3.70 -4.61 -31.61
CA ASP D 107 -3.03 -3.85 -32.67
C ASP D 107 -2.05 -4.77 -33.39
N VAL D 108 -2.41 -5.18 -34.61
CA VAL D 108 -1.53 -6.02 -35.40
C VAL D 108 -0.27 -5.32 -35.84
N ASN D 109 -0.21 -3.99 -35.71
CA ASN D 109 0.92 -3.21 -36.15
C ASN D 109 1.74 -2.64 -35.01
N ALA D 110 1.49 -3.08 -33.77
CA ALA D 110 2.33 -2.67 -32.66
C ALA D 110 3.76 -3.11 -32.92
N GLN D 111 4.72 -2.22 -32.67
CA GLN D 111 6.13 -2.54 -32.85
C GLN D 111 6.87 -2.37 -31.54
N ASP D 112 7.80 -3.28 -31.27
CA ASP D 112 8.59 -3.25 -30.05
C ASP D 112 9.78 -2.30 -30.20
N TRP D 113 10.72 -2.36 -29.24
CA TRP D 113 11.85 -1.45 -29.25
C TRP D 113 12.71 -1.61 -30.50
N MET D 114 12.79 -2.82 -31.03
CA MET D 114 13.61 -3.11 -32.19
C MET D 114 12.88 -2.85 -33.50
N GLY D 115 11.60 -2.49 -33.43
CA GLY D 115 10.80 -2.24 -34.61
C GLY D 115 9.95 -3.40 -35.08
N ARG D 116 10.03 -4.55 -34.42
CA ARG D 116 9.33 -5.73 -34.89
C ARG D 116 7.86 -5.71 -34.49
N THR D 117 7.02 -6.14 -35.42
CA THR D 117 5.60 -6.38 -35.16
C THR D 117 5.40 -7.83 -34.77
N PRO D 118 4.20 -8.20 -34.35
CA PRO D 118 3.94 -9.63 -34.06
C PRO D 118 4.10 -10.53 -35.27
N PHE D 119 4.04 -9.97 -36.48
CA PHE D 119 4.33 -10.77 -37.66
C PHE D 119 5.81 -11.10 -37.75
N ASP D 120 6.67 -10.13 -37.46
CA ASP D 120 8.12 -10.38 -37.52
C ASP D 120 8.51 -11.44 -36.50
N LEU D 121 8.01 -11.32 -35.27
CA LEU D 121 8.29 -12.34 -34.26
C LEU D 121 7.76 -13.71 -34.67
N ALA D 122 6.66 -13.75 -35.42
CA ALA D 122 6.05 -15.03 -35.76
C ALA D 122 6.94 -15.86 -36.69
N ILE D 123 7.43 -15.25 -37.76
CA ILE D 123 8.28 -16.00 -38.68
C ILE D 123 9.68 -16.20 -38.13
N ASP D 124 10.11 -15.36 -37.19
CA ASP D 124 11.42 -15.49 -36.58
C ASP D 124 11.47 -16.53 -35.47
N ASN D 125 10.35 -17.23 -35.21
CA ASN D 125 10.32 -18.31 -34.24
C ASN D 125 9.73 -19.58 -34.85
N GLY D 126 9.73 -19.67 -36.19
CA GLY D 126 9.26 -20.87 -36.86
C GLY D 126 7.76 -21.05 -36.81
N ASN D 127 7.00 -19.96 -36.83
CA ASN D 127 5.54 -20.00 -36.75
C ASN D 127 4.96 -19.45 -38.04
N GLU D 128 5.00 -20.27 -39.09
CA GLU D 128 4.51 -19.84 -40.40
C GLU D 128 3.01 -19.66 -40.39
N ASP D 129 2.26 -20.70 -39.98
CA ASP D 129 0.81 -20.64 -40.00
C ASP D 129 0.27 -19.52 -39.13
N ILE D 130 1.05 -19.09 -38.13
CA ILE D 130 0.65 -17.94 -37.32
C ILE D 130 1.05 -16.63 -38.00
N ALA D 131 1.89 -16.70 -39.02
CA ALA D 131 2.28 -15.50 -39.76
C ALA D 131 1.25 -15.17 -40.85
N GLU D 132 0.66 -16.18 -41.47
CA GLU D 132 -0.35 -15.91 -42.49
C GLU D 132 -1.58 -15.24 -41.90
N VAL D 133 -1.91 -15.54 -40.64
CA VAL D 133 -3.06 -14.90 -40.01
C VAL D 133 -2.77 -13.44 -39.71
N LEU D 134 -1.61 -13.15 -39.12
CA LEU D 134 -1.25 -11.77 -38.85
C LEU D 134 -1.08 -10.99 -40.14
N GLN D 135 -0.52 -11.63 -41.17
CA GLN D 135 -0.33 -10.97 -42.46
C GLN D 135 -1.67 -10.48 -43.01
N LYS D 136 -2.65 -11.37 -43.10
CA LYS D 136 -3.94 -10.98 -43.68
C LYS D 136 -4.60 -9.89 -42.86
N ALA D 137 -4.65 -10.06 -41.53
CA ALA D 137 -5.35 -9.10 -40.68
C ALA D 137 -4.82 -7.68 -40.86
N ALA D 138 -3.55 -7.54 -41.28
CA ALA D 138 -3.00 -6.21 -41.46
C ALA D 138 -3.47 -5.57 -42.77
N LYS D 139 -3.53 -6.33 -43.85
CA LYS D 139 -3.98 -5.83 -45.14
C LYS D 139 -5.49 -5.97 -45.35
N LEU D 140 -6.23 -6.50 -44.38
CA LEU D 140 -7.65 -6.76 -44.55
C LEU D 140 -8.40 -5.60 -45.21
#